data_8ZL6
#
_entry.id   8ZL6
#
_cell.length_a   1.00
_cell.length_b   1.00
_cell.length_c   1.00
_cell.angle_alpha   90.00
_cell.angle_beta   90.00
_cell.angle_gamma   90.00
#
_symmetry.space_group_name_H-M   'P 1'
#
loop_
_entity.id
_entity.type
_entity.pdbx_description
1 polymer "Protein I'm not dead yet"
2 non-polymer PHOSPHATIDYLETHANOLAMINE
3 non-polymer 2-acetamido-2-deoxy-beta-D-glucopyranose
#
_entity_poly.entity_id   1
_entity_poly.type   'polypeptide(L)'
_entity_poly.pdbx_seq_one_letter_code
;MATETTKMIYTPPPLDIKMEIEIGEQPQPPVKCSNFFANHWKGLVVFLVPLLCLPVMLLNEGAEFRCMYLLLVMAIFWVT
EALPLYVTSMIPIVAFPIMGIMSSDQTCRLYFKDTLVMFMGGIMVALAVEYCNLHKRLALRVIQIVGCSPRRLHFGLIMV
TMFLSMWISNAACTAMMCPIIQAVLEELQAQGVCKINHEPQYQIVGGNKKNNEDEPPYPTKITLCYYLGIAYASSLGGCG
TIIGTATNLTFKGIYEARFKNSTEQMDFPTFMFYSVPSMLVYTLLTFVFLQWHFMGLWRPKSKEAQEVQRGREGADVAKK
VIDQRYKDLGPMSIHEIQVMILFIFMVVMYFTRKPGIFLGWADLLNSKDIRNSMPTIFVVVMCFMLPANYAFLRYCTRRG
GPVPTGPTPSLITWKFIQTKVPWGLVFLLGGGFALAEGSKQSGMAKLIGNALIGLKVLPNSVLLLVVILVAVFLTAFSSN
VAIANIIIPVLAEMSLAIEIHPLYLILPAGLACSMAFHLPVSTPPNALVAGYANIRTKDMAIAGIGPTIITIITLFVFCQ
TWGLVVYPNLNSFPEWAQIYAAAALGNKTH
;
_entity_poly.pdbx_strand_id   A,B
#
loop_
_chem_comp.id
_chem_comp.type
_chem_comp.name
_chem_comp.formula
NAG D-saccharide, beta linking 2-acetamido-2-deoxy-beta-D-glucopyranose 'C8 H15 N O6'
PTY non-polymer PHOSPHATIDYLETHANOLAMINE 'C40 H80 N O8 P'
#
# COMPACT_ATOMS: atom_id res chain seq x y z
N LYS A 32 -40.14 2.66 -17.26
CA LYS A 32 -39.85 3.83 -16.44
C LYS A 32 -39.40 3.44 -15.04
N CYS A 33 -40.37 3.31 -14.12
CA CYS A 33 -40.04 3.01 -12.73
C CYS A 33 -39.32 1.66 -12.60
N SER A 34 -39.51 0.77 -13.57
CA SER A 34 -38.85 -0.53 -13.50
C SER A 34 -37.34 -0.38 -13.59
N ASN A 35 -36.86 0.41 -14.55
CA ASN A 35 -35.41 0.54 -14.73
C ASN A 35 -34.76 1.35 -13.63
N PHE A 36 -35.54 2.08 -12.83
CA PHE A 36 -34.95 2.81 -11.71
C PHE A 36 -34.29 1.87 -10.72
N PHE A 37 -34.95 0.74 -10.43
CA PHE A 37 -34.33 -0.28 -9.59
C PHE A 37 -33.12 -0.87 -10.28
N ALA A 38 -33.18 -1.02 -11.60
CA ALA A 38 -32.07 -1.61 -12.34
C ALA A 38 -30.83 -0.73 -12.26
N ASN A 39 -31.00 0.59 -12.24
CA ASN A 39 -29.86 1.49 -12.28
C ASN A 39 -29.31 1.81 -10.90
N HIS A 40 -30.18 2.07 -9.92
CA HIS A 40 -29.76 2.64 -8.65
C HIS A 40 -30.05 1.72 -7.46
N TRP A 41 -29.96 0.41 -7.65
CA TRP A 41 -30.24 -0.49 -6.53
C TRP A 41 -29.12 -0.47 -5.50
N LYS A 42 -27.87 -0.23 -5.91
CA LYS A 42 -26.77 -0.20 -4.97
C LYS A 42 -26.95 0.91 -3.94
N GLY A 43 -27.35 2.09 -4.40
CA GLY A 43 -27.62 3.17 -3.47
C GLY A 43 -28.76 2.84 -2.52
N LEU A 44 -29.80 2.17 -3.02
CA LEU A 44 -30.88 1.75 -2.13
C LEU A 44 -30.37 0.83 -1.05
N VAL A 45 -29.53 -0.14 -1.41
CA VAL A 45 -29.00 -1.05 -0.39
C VAL A 45 -28.20 -0.26 0.64
N VAL A 46 -27.32 0.62 0.18
CA VAL A 46 -26.46 1.37 1.09
C VAL A 46 -27.29 2.21 2.04
N PHE A 47 -28.37 2.81 1.53
CA PHE A 47 -29.19 3.69 2.36
C PHE A 47 -30.05 2.89 3.33
N LEU A 48 -30.60 1.75 2.89
CA LEU A 48 -31.63 1.10 3.67
C LEU A 48 -31.08 0.11 4.69
N VAL A 49 -30.06 -0.67 4.34
CA VAL A 49 -29.63 -1.76 5.20
C VAL A 49 -29.25 -1.29 6.60
N PRO A 50 -28.42 -0.26 6.78
CA PRO A 50 -28.12 0.19 8.15
C PRO A 50 -29.34 0.62 8.92
N LEU A 51 -30.34 1.19 8.25
CA LEU A 51 -31.57 1.58 8.95
C LEU A 51 -32.39 0.36 9.35
N LEU A 52 -32.47 -0.64 8.47
CA LEU A 52 -33.29 -1.80 8.76
C LEU A 52 -32.69 -2.67 9.85
N CYS A 53 -31.36 -2.76 9.92
CA CYS A 53 -30.74 -3.63 10.92
C CYS A 53 -30.66 -2.98 12.30
N LEU A 54 -31.10 -1.74 12.44
CA LEU A 54 -30.97 -1.02 13.71
C LEU A 54 -31.71 -1.65 14.88
N PRO A 55 -32.94 -2.19 14.72
CA PRO A 55 -33.62 -2.78 15.88
C PRO A 55 -32.83 -3.88 16.57
N VAL A 56 -31.92 -4.56 15.86
CA VAL A 56 -31.06 -5.53 16.52
C VAL A 56 -30.26 -4.86 17.64
N MET A 57 -29.71 -3.68 17.36
CA MET A 57 -28.98 -2.96 18.39
C MET A 57 -29.91 -2.42 19.45
N LEU A 58 -31.02 -1.79 19.06
CA LEU A 58 -31.85 -1.12 20.05
C LEU A 58 -32.53 -2.09 21.01
N LEU A 59 -32.99 -3.24 20.53
CA LEU A 59 -33.82 -4.09 21.36
C LEU A 59 -33.02 -4.77 22.47
N ASN A 60 -31.76 -5.11 22.21
CA ASN A 60 -30.95 -5.87 23.14
C ASN A 60 -29.81 -5.01 23.69
N GLU A 61 -29.43 -5.26 24.93
CA GLU A 61 -28.54 -4.37 25.65
C GLU A 61 -27.06 -4.71 25.51
N GLY A 62 -26.74 -5.99 25.27
CA GLY A 62 -25.34 -6.40 25.30
C GLY A 62 -24.54 -5.84 24.14
N ALA A 63 -23.23 -5.71 24.37
CA ALA A 63 -22.33 -5.27 23.31
C ALA A 63 -22.17 -6.32 22.23
N GLU A 64 -22.40 -7.59 22.57
CA GLU A 64 -22.38 -8.64 21.56
C GLU A 64 -23.41 -8.37 20.47
N PHE A 65 -24.54 -7.75 20.83
CA PHE A 65 -25.53 -7.42 19.83
C PHE A 65 -25.08 -6.30 18.91
N ARG A 66 -24.34 -5.33 19.44
CA ARG A 66 -23.74 -4.31 18.58
C ARG A 66 -22.76 -4.94 17.61
N CYS A 67 -21.94 -5.88 18.10
CA CYS A 67 -21.02 -6.58 17.21
C CYS A 67 -21.78 -7.37 16.15
N MET A 68 -22.92 -7.96 16.54
CA MET A 68 -23.74 -8.70 15.58
C MET A 68 -24.31 -7.78 14.50
N TYR A 69 -24.75 -6.59 14.90
CA TYR A 69 -25.24 -5.60 13.93
C TYR A 69 -24.16 -5.25 12.94
N LEU A 70 -22.95 -5.00 13.45
CA LEU A 70 -21.82 -4.71 12.56
C LEU A 70 -21.56 -5.87 11.61
N LEU A 71 -21.62 -7.10 12.13
CA LEU A 71 -21.36 -8.27 11.30
C LEU A 71 -22.39 -8.38 10.17
N LEU A 72 -23.66 -8.16 10.50
CA LEU A 72 -24.70 -8.22 9.47
C LEU A 72 -24.45 -7.18 8.39
N VAL A 73 -24.17 -5.94 8.80
CA VAL A 73 -23.99 -4.87 7.82
C VAL A 73 -22.80 -5.18 6.90
N MET A 74 -21.67 -5.57 7.49
CA MET A 74 -20.49 -5.83 6.68
C MET A 74 -20.70 -7.04 5.77
N ALA A 75 -21.36 -8.08 6.27
CA ALA A 75 -21.61 -9.26 5.44
C ALA A 75 -22.48 -8.91 4.24
N ILE A 76 -23.54 -8.13 4.47
CA ILE A 76 -24.40 -7.75 3.36
C ILE A 76 -23.64 -6.88 2.36
N PHE A 77 -22.78 -5.98 2.84
CA PHE A 77 -22.03 -5.14 1.92
C PHE A 77 -21.04 -5.97 1.09
N TRP A 78 -20.37 -6.94 1.71
CA TRP A 78 -19.48 -7.81 0.95
C TRP A 78 -20.22 -8.65 -0.08
N VAL A 79 -21.31 -9.32 0.33
CA VAL A 79 -22.00 -10.21 -0.60
C VAL A 79 -22.59 -9.41 -1.76
N THR A 80 -23.25 -8.30 -1.45
CA THR A 80 -23.92 -7.51 -2.48
C THR A 80 -22.92 -6.73 -3.32
N GLU A 81 -21.80 -6.31 -2.72
CA GLU A 81 -20.80 -5.46 -3.38
C GLU A 81 -21.37 -4.09 -3.70
N ALA A 82 -22.15 -3.53 -2.77
CA ALA A 82 -22.64 -2.17 -2.93
C ALA A 82 -21.48 -1.18 -2.92
N LEU A 83 -20.52 -1.38 -2.04
CA LEU A 83 -19.29 -0.62 -1.98
C LEU A 83 -18.12 -1.46 -2.43
N PRO A 84 -17.02 -0.85 -2.87
CA PRO A 84 -15.81 -1.63 -3.16
C PRO A 84 -15.36 -2.38 -1.91
N LEU A 85 -14.81 -3.57 -2.12
CA LEU A 85 -14.47 -4.43 -1.00
C LEU A 85 -13.43 -3.77 -0.09
N TYR A 86 -12.44 -3.12 -0.69
CA TYR A 86 -11.40 -2.47 0.08
C TYR A 86 -11.97 -1.37 0.96
N VAL A 87 -12.93 -0.60 0.43
CA VAL A 87 -13.55 0.45 1.24
C VAL A 87 -14.37 -0.15 2.36
N THR A 88 -15.13 -1.21 2.08
CA THR A 88 -15.94 -1.83 3.12
C THR A 88 -15.08 -2.38 4.24
N SER A 89 -13.88 -2.87 3.92
CA SER A 89 -13.02 -3.42 4.96
C SER A 89 -12.51 -2.37 5.93
N MET A 90 -12.67 -1.08 5.64
CA MET A 90 -12.19 -0.04 6.55
C MET A 90 -13.16 0.28 7.66
N ILE A 91 -14.38 -0.26 7.63
CA ILE A 91 -15.39 0.11 8.63
C ILE A 91 -14.96 -0.20 10.05
N PRO A 92 -14.33 -1.35 10.36
CA PRO A 92 -14.01 -1.62 11.77
C PRO A 92 -13.20 -0.55 12.46
N ILE A 93 -12.29 0.13 11.74
CA ILE A 93 -11.49 1.19 12.35
C ILE A 93 -12.38 2.25 12.96
N VAL A 94 -13.46 2.61 12.26
CA VAL A 94 -14.40 3.58 12.79
C VAL A 94 -15.29 2.95 13.84
N ALA A 95 -15.78 1.72 13.58
CA ALA A 95 -16.87 1.18 14.38
C ALA A 95 -16.41 0.74 15.76
N PHE A 96 -15.30 0.00 15.86
CA PHE A 96 -14.93 -0.57 17.15
C PHE A 96 -14.64 0.47 18.23
N PRO A 97 -13.81 1.49 18.02
CA PRO A 97 -13.58 2.45 19.11
C PRO A 97 -14.83 3.20 19.55
N ILE A 98 -15.76 3.49 18.64
CA ILE A 98 -17.00 4.15 19.04
C ILE A 98 -17.77 3.28 20.02
N MET A 99 -17.90 2.00 19.70
CA MET A 99 -18.51 1.07 20.63
C MET A 99 -17.49 0.69 21.71
N GLY A 100 -17.94 -0.08 22.68
CA GLY A 100 -17.05 -0.53 23.73
C GLY A 100 -16.38 -1.84 23.40
N ILE A 101 -15.72 -1.93 22.25
CA ILE A 101 -15.13 -3.18 21.80
C ILE A 101 -13.62 -3.15 21.93
N MET A 102 -12.97 -2.24 21.21
CA MET A 102 -11.53 -2.20 21.13
C MET A 102 -11.07 -0.75 21.06
N SER A 103 -9.81 -0.53 21.45
CA SER A 103 -9.21 0.78 21.29
C SER A 103 -8.72 0.96 19.87
N SER A 104 -8.44 2.22 19.51
CA SER A 104 -8.01 2.51 18.15
C SER A 104 -6.67 1.87 17.82
N ASP A 105 -5.72 1.92 18.76
CA ASP A 105 -4.39 1.40 18.47
C ASP A 105 -4.41 -0.12 18.27
N GLN A 106 -5.17 -0.84 19.08
CA GLN A 106 -5.25 -2.28 18.91
C GLN A 106 -5.87 -2.65 17.57
N THR A 107 -6.91 -1.94 17.17
CA THR A 107 -7.56 -2.24 15.90
C THR A 107 -6.60 -2.06 14.74
N CYS A 108 -5.80 -0.99 14.76
CA CYS A 108 -4.80 -0.80 13.73
C CYS A 108 -3.71 -1.85 13.81
N ARG A 109 -3.34 -2.28 15.03
CA ARG A 109 -2.37 -3.35 15.16
C ARG A 109 -2.86 -4.64 14.53
N LEU A 110 -4.18 -4.89 14.57
CA LEU A 110 -4.71 -6.10 13.97
C LEU A 110 -4.46 -6.14 12.47
N TYR A 111 -4.48 -4.98 11.81
CA TYR A 111 -4.09 -4.97 10.41
C TYR A 111 -2.58 -5.21 10.31
N PHE A 112 -2.14 -5.62 9.13
CA PHE A 112 -0.71 -5.67 8.82
C PHE A 112 0.05 -6.58 9.79
N LYS A 113 -0.40 -7.83 9.89
CA LYS A 113 0.34 -8.82 10.64
C LYS A 113 1.55 -9.29 9.84
N ASP A 114 2.38 -10.11 10.48
CA ASP A 114 3.56 -10.64 9.78
C ASP A 114 3.17 -11.54 8.62
N THR A 115 2.07 -12.29 8.77
CA THR A 115 1.62 -13.17 7.71
C THR A 115 1.25 -12.37 6.46
N LEU A 116 0.58 -11.23 6.67
CA LEU A 116 0.27 -10.36 5.54
C LEU A 116 1.54 -9.84 4.88
N VAL A 117 2.57 -9.55 5.68
CA VAL A 117 3.84 -9.13 5.10
C VAL A 117 4.44 -10.23 4.25
N MET A 118 4.35 -11.48 4.72
CA MET A 118 4.83 -12.59 3.91
C MET A 118 4.08 -12.67 2.58
N PHE A 119 2.76 -12.50 2.63
CA PHE A 119 1.98 -12.57 1.40
C PHE A 119 2.37 -11.45 0.42
N MET A 120 2.53 -10.23 0.92
CA MET A 120 2.87 -9.12 0.04
C MET A 120 4.27 -9.30 -0.54
N GLY A 121 5.21 -9.78 0.26
CA GLY A 121 6.52 -10.09 -0.28
C GLY A 121 6.46 -11.15 -1.35
N GLY A 122 5.61 -12.17 -1.15
CA GLY A 122 5.43 -13.18 -2.17
C GLY A 122 4.90 -12.59 -3.47
N ILE A 123 3.97 -11.65 -3.37
CA ILE A 123 3.48 -10.96 -4.57
C ILE A 123 4.63 -10.21 -5.24
N MET A 124 5.47 -9.56 -4.46
CA MET A 124 6.61 -8.83 -5.04
C MET A 124 7.56 -9.78 -5.77
N VAL A 125 7.84 -10.94 -5.18
CA VAL A 125 8.72 -11.90 -5.84
C VAL A 125 8.09 -12.44 -7.12
N ALA A 126 6.77 -12.65 -7.09
CA ALA A 126 6.08 -13.07 -8.31
C ALA A 126 6.19 -11.99 -9.39
N LEU A 127 6.10 -10.72 -8.99
CA LEU A 127 6.30 -9.64 -9.95
C LEU A 127 7.72 -9.66 -10.52
N ALA A 128 8.70 -9.95 -9.67
CA ALA A 128 10.07 -10.06 -10.16
C ALA A 128 10.21 -11.19 -11.17
N VAL A 129 9.53 -12.31 -10.94
CA VAL A 129 9.56 -13.41 -11.90
C VAL A 129 8.89 -13.00 -13.20
N GLU A 130 7.74 -12.33 -13.12
CA GLU A 130 7.06 -11.87 -14.32
C GLU A 130 7.93 -10.93 -15.14
N TYR A 131 8.58 -9.99 -14.46
CA TYR A 131 9.56 -9.14 -15.11
C TYR A 131 10.70 -10.04 -15.58
N CYS A 132 11.34 -9.65 -16.68
CA CYS A 132 12.41 -10.36 -17.41
C CYS A 132 11.95 -11.67 -18.06
N ASN A 133 10.67 -12.03 -17.96
CA ASN A 133 10.07 -13.05 -18.82
C ASN A 133 10.67 -14.44 -18.59
N LEU A 134 10.58 -14.94 -17.35
CA LEU A 134 10.93 -16.33 -17.09
C LEU A 134 9.76 -17.26 -17.36
N HIS A 135 8.56 -16.79 -17.01
CA HIS A 135 7.33 -17.59 -17.18
C HIS A 135 7.19 -18.06 -18.63
N LYS A 136 7.45 -17.17 -19.59
CA LYS A 136 7.25 -17.55 -21.01
C LYS A 136 8.18 -18.71 -21.34
N ARG A 137 9.43 -18.65 -20.88
CA ARG A 137 10.40 -19.71 -21.22
C ARG A 137 9.90 -21.04 -20.65
N LEU A 138 9.45 -21.04 -19.41
CA LEU A 138 9.00 -22.30 -18.77
C LEU A 138 7.79 -22.85 -19.51
N ALA A 139 6.82 -21.99 -19.82
CA ALA A 139 5.58 -22.48 -20.47
C ALA A 139 5.89 -23.06 -21.84
N LEU A 140 6.68 -22.33 -22.63
CA LEU A 140 6.95 -22.79 -24.03
C LEU A 140 7.72 -24.11 -23.99
N ARG A 141 8.68 -24.23 -23.08
CA ARG A 141 9.51 -25.46 -23.05
C ARG A 141 8.62 -26.66 -22.71
N VAL A 142 7.73 -26.52 -21.73
CA VAL A 142 6.89 -27.68 -21.32
C VAL A 142 5.97 -28.08 -22.49
N ILE A 143 5.40 -27.09 -23.18
CA ILE A 143 4.48 -27.39 -24.32
C ILE A 143 5.28 -28.13 -25.39
N GLN A 144 6.52 -27.72 -25.61
CA GLN A 144 7.40 -28.37 -26.62
C GLN A 144 7.63 -29.84 -26.21
N ILE A 145 7.87 -30.09 -24.93
CA ILE A 145 8.08 -31.48 -24.41
C ILE A 145 6.81 -32.30 -24.64
N VAL A 146 5.64 -31.71 -24.40
CA VAL A 146 4.34 -32.42 -24.58
C VAL A 146 4.10 -32.67 -26.08
N GLY A 147 3.27 -33.65 -26.44
CA GLY A 147 3.08 -34.04 -27.85
C GLY A 147 2.40 -33.03 -28.74
N CYS A 148 2.60 -33.14 -30.06
CA CYS A 148 2.01 -32.22 -31.06
C CYS A 148 0.49 -32.35 -31.19
N SER A 149 -0.08 -33.50 -30.87
CA SER A 149 -1.55 -33.71 -31.10
C SER A 149 -2.36 -32.66 -30.35
N PRO A 150 -3.51 -32.20 -30.88
CA PRO A 150 -4.29 -31.12 -30.25
C PRO A 150 -4.75 -31.48 -28.82
N ARG A 151 -5.14 -32.74 -28.60
CA ARG A 151 -5.52 -33.16 -27.23
C ARG A 151 -4.31 -33.01 -26.30
N ARG A 152 -3.13 -33.39 -26.78
CA ARG A 152 -1.89 -33.30 -25.96
C ARG A 152 -1.61 -31.83 -25.64
N LEU A 153 -1.84 -30.94 -26.61
CA LEU A 153 -1.56 -29.49 -26.39
C LEU A 153 -2.45 -28.99 -25.25
N HIS A 154 -3.71 -29.42 -25.22
CA HIS A 154 -4.65 -28.98 -24.15
C HIS A 154 -4.13 -29.47 -22.80
N PHE A 155 -3.64 -30.72 -22.74
CA PHE A 155 -3.17 -31.29 -21.47
C PHE A 155 -1.98 -30.48 -20.97
N GLY A 156 -1.06 -30.15 -21.87
CA GLY A 156 0.14 -29.39 -21.48
C GLY A 156 -0.23 -28.03 -20.96
N LEU A 157 -1.18 -27.36 -21.64
CA LEU A 157 -1.55 -25.99 -21.25
C LEU A 157 -2.14 -26.02 -19.83
N ILE A 158 -3.00 -27.00 -19.54
CA ILE A 158 -3.66 -27.07 -18.20
C ILE A 158 -2.59 -27.29 -17.13
N MET A 159 -1.65 -28.21 -17.38
CA MET A 159 -0.63 -28.53 -16.33
C MET A 159 0.25 -27.31 -16.04
N VAL A 160 0.67 -26.60 -17.08
CA VAL A 160 1.56 -25.41 -16.88
C VAL A 160 0.78 -24.36 -16.09
N THR A 161 -0.49 -24.16 -16.43
CA THR A 161 -1.29 -23.12 -15.73
C THR A 161 -1.42 -23.50 -14.26
N MET A 162 -1.64 -24.79 -13.97
CA MET A 162 -1.81 -25.25 -12.57
C MET A 162 -0.51 -24.99 -11.79
N PHE A 163 0.64 -25.31 -12.39
CA PHE A 163 1.94 -25.12 -11.70
C PHE A 163 2.21 -23.63 -11.49
N LEU A 164 1.89 -22.80 -12.49
CA LEU A 164 2.18 -21.35 -12.37
C LEU A 164 1.19 -20.74 -11.38
N SER A 165 -0.09 -21.12 -11.46
CA SER A 165 -1.03 -20.57 -10.49
C SER A 165 -0.71 -21.03 -9.08
N MET A 166 0.05 -22.12 -8.94
CA MET A 166 0.43 -22.57 -7.61
C MET A 166 1.21 -21.50 -6.84
N TRP A 167 1.90 -20.60 -7.54
CA TRP A 167 2.72 -19.58 -6.89
C TRP A 167 2.27 -18.15 -7.18
N ILE A 168 1.35 -17.94 -8.11
CA ILE A 168 0.99 -16.60 -8.58
C ILE A 168 -0.53 -16.46 -8.52
N SER A 169 -0.98 -15.21 -8.49
CA SER A 169 -2.41 -14.94 -8.45
C SER A 169 -3.10 -15.47 -9.70
N ASN A 170 -4.38 -15.82 -9.55
CA ASN A 170 -5.10 -16.52 -10.61
C ASN A 170 -5.32 -15.64 -11.84
N ALA A 171 -5.85 -14.42 -11.64
CA ALA A 171 -6.12 -13.55 -12.76
C ALA A 171 -4.84 -13.19 -13.51
N ALA A 172 -3.76 -12.97 -12.76
CA ALA A 172 -2.47 -12.75 -13.39
C ALA A 172 -2.12 -13.90 -14.32
N CYS A 173 -2.20 -15.14 -13.82
CA CYS A 173 -1.82 -16.29 -14.62
C CYS A 173 -2.69 -16.42 -15.86
N THR A 174 -3.98 -16.15 -15.74
CA THR A 174 -4.86 -16.23 -16.91
C THR A 174 -4.44 -15.23 -17.98
N ALA A 175 -4.19 -13.98 -17.58
CA ALA A 175 -3.72 -12.98 -18.53
C ALA A 175 -2.38 -13.37 -19.13
N MET A 176 -1.52 -14.00 -18.32
CA MET A 176 -0.20 -14.40 -18.78
C MET A 176 -0.28 -15.53 -19.82
N MET A 177 -1.27 -16.40 -19.69
CA MET A 177 -1.32 -17.58 -20.55
C MET A 177 -2.16 -17.39 -21.80
N CYS A 178 -3.16 -16.51 -21.79
CA CYS A 178 -4.06 -16.40 -22.93
C CYS A 178 -3.39 -16.08 -24.27
N PRO A 179 -2.44 -15.14 -24.37
CA PRO A 179 -1.94 -14.76 -25.70
C PRO A 179 -1.36 -15.91 -26.50
N ILE A 180 -0.75 -16.91 -25.85
CA ILE A 180 -0.15 -18.02 -26.57
C ILE A 180 -1.22 -18.80 -27.32
N ILE A 181 -2.29 -19.17 -26.62
CA ILE A 181 -3.35 -19.92 -27.26
C ILE A 181 -4.03 -19.06 -28.33
N GLN A 182 -4.14 -17.75 -28.09
CA GLN A 182 -4.72 -16.88 -29.11
C GLN A 182 -3.89 -16.91 -30.39
N ALA A 183 -2.57 -16.79 -30.25
CA ALA A 183 -1.70 -16.78 -31.42
C ALA A 183 -1.76 -18.10 -32.18
N VAL A 184 -1.72 -19.22 -31.46
CA VAL A 184 -1.71 -20.50 -32.16
C VAL A 184 -3.05 -20.74 -32.83
N LEU A 185 -4.16 -20.32 -32.21
CA LEU A 185 -5.46 -20.47 -32.85
C LEU A 185 -5.56 -19.61 -34.11
N GLU A 186 -5.05 -18.38 -34.05
CA GLU A 186 -5.09 -17.54 -35.24
C GLU A 186 -4.26 -18.13 -36.37
N GLU A 187 -3.09 -18.68 -36.04
CA GLU A 187 -2.28 -19.32 -37.08
C GLU A 187 -3.00 -20.52 -37.68
N LEU A 188 -3.63 -21.35 -36.83
CA LEU A 188 -4.37 -22.48 -37.35
C LEU A 188 -5.51 -22.06 -38.26
N GLN A 189 -6.21 -20.98 -37.89
CA GLN A 189 -7.25 -20.45 -38.77
C GLN A 189 -6.66 -19.95 -40.08
N ALA A 190 -5.47 -19.34 -40.02
CA ALA A 190 -4.82 -18.90 -41.25
C ALA A 190 -4.54 -20.06 -42.18
N GLN A 191 -4.05 -21.18 -41.65
CA GLN A 191 -3.92 -22.37 -42.48
C GLN A 191 -5.27 -22.93 -42.90
N GLY A 192 -6.28 -22.78 -42.05
CA GLY A 192 -7.62 -23.24 -42.37
C GLY A 192 -7.98 -24.61 -41.85
N VAL A 193 -7.17 -25.20 -40.97
CA VAL A 193 -7.48 -26.51 -40.42
C VAL A 193 -8.71 -26.44 -39.53
N CYS A 194 -8.88 -25.35 -38.79
CA CYS A 194 -10.01 -25.18 -37.90
C CYS A 194 -10.43 -23.72 -37.88
N LYS A 195 -11.66 -23.48 -37.46
CA LYS A 195 -12.23 -22.14 -37.41
C LYS A 195 -12.44 -21.71 -35.97
N ILE A 196 -11.96 -20.51 -35.65
CA ILE A 196 -12.06 -20.01 -34.29
C ILE A 196 -13.52 -19.72 -33.93
N ASN A 197 -14.31 -19.21 -34.88
CA ASN A 197 -15.67 -18.79 -34.60
C ASN A 197 -16.62 -19.38 -35.63
N HIS A 198 -17.89 -19.47 -35.23
CA HIS A 198 -18.93 -19.94 -36.15
C HIS A 198 -19.12 -18.95 -37.29
N GLU A 199 -19.39 -19.49 -38.48
CA GLU A 199 -19.69 -18.64 -39.61
C GLU A 199 -21.03 -17.94 -39.40
N PRO A 200 -21.17 -16.69 -39.88
CA PRO A 200 -22.39 -15.91 -39.71
C PRO A 200 -23.60 -16.52 -40.41
N GLU A 215 -23.96 -8.06 -31.94
CA GLU A 215 -23.86 -9.47 -31.60
C GLU A 215 -22.48 -10.01 -31.95
N PRO A 216 -21.64 -10.20 -30.93
CA PRO A 216 -20.31 -10.76 -31.18
C PRO A 216 -20.42 -12.17 -31.71
N PRO A 217 -19.44 -12.61 -32.50
CA PRO A 217 -19.51 -13.96 -33.08
C PRO A 217 -19.49 -15.03 -32.00
N TYR A 218 -20.20 -16.12 -32.27
CA TYR A 218 -20.27 -17.23 -31.32
C TYR A 218 -19.00 -18.06 -31.40
N PRO A 219 -18.30 -18.25 -30.29
CA PRO A 219 -17.11 -19.12 -30.32
C PRO A 219 -17.49 -20.57 -30.54
N THR A 220 -16.59 -21.30 -31.19
CA THR A 220 -16.81 -22.72 -31.46
C THR A 220 -16.44 -23.54 -30.23
N LYS A 221 -16.58 -24.86 -30.35
CA LYS A 221 -16.35 -25.73 -29.20
C LYS A 221 -14.87 -25.76 -28.82
N ILE A 222 -13.97 -25.73 -29.81
CA ILE A 222 -12.55 -25.90 -29.52
C ILE A 222 -12.03 -24.74 -28.68
N THR A 223 -12.33 -23.51 -29.10
CA THR A 223 -11.86 -22.35 -28.35
C THR A 223 -12.50 -22.28 -26.97
N LEU A 224 -13.78 -22.67 -26.86
CA LEU A 224 -14.40 -22.77 -25.55
C LEU A 224 -13.64 -23.73 -24.66
N CYS A 225 -13.28 -24.89 -25.20
CA CYS A 225 -12.53 -25.88 -24.43
C CYS A 225 -11.22 -25.28 -23.94
N TYR A 226 -10.45 -24.65 -24.84
CA TYR A 226 -9.15 -24.14 -24.45
C TYR A 226 -9.27 -23.06 -23.38
N TYR A 227 -10.13 -22.07 -23.60
CA TYR A 227 -10.21 -20.96 -22.67
C TYR A 227 -10.77 -21.39 -21.32
N LEU A 228 -11.84 -22.19 -21.32
CA LEU A 228 -12.40 -22.67 -20.08
C LEU A 228 -11.40 -23.55 -19.34
N GLY A 229 -10.63 -24.35 -20.07
CA GLY A 229 -9.60 -25.14 -19.44
C GLY A 229 -8.56 -24.30 -18.74
N ILE A 230 -8.13 -23.21 -19.40
CA ILE A 230 -7.15 -22.34 -18.78
C ILE A 230 -7.70 -21.73 -17.49
N ALA A 231 -8.93 -21.20 -17.55
CA ALA A 231 -9.50 -20.57 -16.37
C ALA A 231 -9.68 -21.57 -15.23
N TYR A 232 -10.22 -22.75 -15.54
CA TYR A 232 -10.45 -23.75 -14.51
C TYR A 232 -9.13 -24.25 -13.93
N ALA A 233 -8.12 -24.41 -14.77
CA ALA A 233 -6.82 -24.84 -14.27
C ALA A 233 -6.23 -23.81 -13.32
N SER A 234 -6.37 -22.53 -13.64
CA SER A 234 -5.89 -21.49 -12.72
C SER A 234 -6.61 -21.58 -11.39
N SER A 235 -7.94 -21.70 -11.43
CA SER A 235 -8.71 -21.78 -10.19
C SER A 235 -8.31 -23.00 -9.36
N LEU A 236 -8.14 -24.15 -10.00
CA LEU A 236 -7.79 -25.36 -9.26
C LEU A 236 -6.40 -25.28 -8.69
N GLY A 237 -5.43 -24.80 -9.47
CA GLY A 237 -4.06 -24.70 -8.99
C GLY A 237 -3.87 -23.66 -7.91
N GLY A 238 -4.78 -22.69 -7.81
CA GLY A 238 -4.67 -21.73 -6.72
C GLY A 238 -4.67 -22.35 -5.34
N CYS A 239 -5.32 -23.50 -5.18
CA CYS A 239 -5.50 -24.11 -3.87
C CYS A 239 -4.27 -24.86 -3.37
N GLY A 240 -3.24 -25.00 -4.18
CA GLY A 240 -2.13 -25.85 -3.80
C GLY A 240 -1.30 -25.33 -2.64
N THR A 241 -1.09 -24.02 -2.58
CA THR A 241 -0.12 -23.43 -1.67
C THR A 241 -0.73 -22.24 -0.95
N ILE A 242 -0.16 -21.92 0.22
CA ILE A 242 -0.66 -20.79 1.00
C ILE A 242 -0.57 -19.50 0.20
N ILE A 243 0.58 -19.27 -0.46
CA ILE A 243 0.74 -18.06 -1.26
C ILE A 243 0.06 -18.15 -2.61
N GLY A 244 -0.62 -19.26 -2.91
CA GLY A 244 -1.30 -19.38 -4.18
C GLY A 244 -2.47 -18.42 -4.33
N THR A 245 -3.26 -18.24 -3.27
CA THR A 245 -4.42 -17.38 -3.33
C THR A 245 -4.70 -16.81 -1.94
N ALA A 246 -5.52 -15.76 -1.92
CA ALA A 246 -5.75 -15.03 -0.67
C ALA A 246 -6.59 -15.84 0.32
N THR A 247 -7.51 -16.66 -0.17
CA THR A 247 -8.43 -17.37 0.71
C THR A 247 -7.69 -18.29 1.66
N ASN A 248 -6.66 -18.98 1.15
CA ASN A 248 -5.85 -19.85 2.00
C ASN A 248 -5.25 -19.05 3.14
N LEU A 249 -4.69 -17.88 2.82
CA LEU A 249 -4.12 -17.03 3.84
C LEU A 249 -5.16 -16.63 4.86
N THR A 250 -6.37 -16.31 4.39
CA THR A 250 -7.42 -15.84 5.28
C THR A 250 -7.79 -16.91 6.30
N PHE A 251 -8.12 -18.12 5.85
CA PHE A 251 -8.59 -19.05 6.88
C PHE A 251 -7.43 -19.57 7.72
N LYS A 252 -6.22 -19.67 7.16
CA LYS A 252 -5.08 -20.03 8.00
C LYS A 252 -4.87 -19.00 9.09
N GLY A 253 -4.94 -17.72 8.75
CA GLY A 253 -4.76 -16.68 9.75
C GLY A 253 -5.84 -16.69 10.81
N ILE A 254 -7.09 -16.89 10.40
CA ILE A 254 -8.18 -16.92 11.39
C ILE A 254 -8.00 -18.09 12.34
N TYR A 255 -7.67 -19.27 11.80
CA TYR A 255 -7.48 -20.43 12.66
C TYR A 255 -6.32 -20.22 13.63
N GLU A 256 -5.20 -19.67 13.14
CA GLU A 256 -4.06 -19.45 14.01
C GLU A 256 -4.37 -18.43 15.10
N ALA A 257 -5.09 -17.37 14.76
CA ALA A 257 -5.42 -16.35 15.76
C ALA A 257 -6.39 -16.90 16.80
N ARG A 258 -7.35 -17.72 16.39
CA ARG A 258 -8.36 -18.18 17.33
C ARG A 258 -7.78 -19.16 18.35
N PHE A 259 -6.94 -20.09 17.90
CA PHE A 259 -6.38 -21.14 18.75
C PHE A 259 -4.85 -21.04 18.73
N LYS A 260 -4.30 -20.35 19.73
CA LYS A 260 -2.84 -20.30 19.83
C LYS A 260 -2.28 -21.59 20.40
N ASN A 261 -3.05 -22.31 21.20
CA ASN A 261 -2.57 -23.48 21.91
C ASN A 261 -2.70 -24.77 21.10
N SER A 262 -3.20 -24.70 19.88
CA SER A 262 -3.44 -25.91 19.10
C SER A 262 -2.13 -26.63 18.81
N THR A 263 -2.15 -27.96 18.95
CA THR A 263 -0.97 -28.76 18.68
C THR A 263 -0.81 -29.10 17.20
N GLU A 264 -1.84 -28.89 16.39
CA GLU A 264 -1.76 -29.12 14.95
C GLU A 264 -1.60 -27.78 14.25
N GLN A 265 -0.61 -27.70 13.36
CA GLN A 265 -0.21 -26.43 12.76
C GLN A 265 -0.34 -26.50 11.25
N MET A 266 -0.84 -25.43 10.65
CA MET A 266 -0.84 -25.30 9.19
C MET A 266 0.36 -24.47 8.75
N ASP A 267 1.54 -25.03 9.00
CA ASP A 267 2.76 -24.45 8.47
C ASP A 267 2.91 -24.77 6.99
N PHE A 268 3.91 -24.13 6.36
CA PHE A 268 4.04 -24.21 4.90
C PHE A 268 4.24 -25.63 4.39
N PRO A 269 5.16 -26.44 4.92
CA PRO A 269 5.29 -27.81 4.39
C PRO A 269 4.07 -28.69 4.66
N THR A 270 3.51 -28.64 5.87
CA THR A 270 2.41 -29.53 6.21
C THR A 270 1.18 -29.25 5.36
N PHE A 271 0.86 -27.97 5.14
CA PHE A 271 -0.28 -27.63 4.30
C PHE A 271 -0.09 -28.13 2.88
N MET A 272 1.12 -27.95 2.34
CA MET A 272 1.40 -28.40 0.98
C MET A 272 1.27 -29.92 0.88
N PHE A 273 1.79 -30.64 1.87
CA PHE A 273 1.61 -32.09 1.90
C PHE A 273 0.14 -32.45 1.90
N TYR A 274 -0.65 -31.78 2.74
CA TYR A 274 -2.07 -32.09 2.83
C TYR A 274 -2.80 -31.82 1.53
N SER A 275 -2.39 -30.79 0.78
CA SER A 275 -3.20 -30.30 -0.33
C SER A 275 -2.81 -30.84 -1.69
N VAL A 276 -1.52 -31.09 -1.95
CA VAL A 276 -1.08 -31.34 -3.33
C VAL A 276 -1.74 -32.57 -3.97
N PRO A 277 -1.76 -33.75 -3.33
CA PRO A 277 -2.25 -34.94 -4.06
C PRO A 277 -3.68 -34.82 -4.56
N SER A 278 -4.59 -34.34 -3.71
CA SER A 278 -5.97 -34.16 -4.15
C SER A 278 -6.04 -33.16 -5.28
N MET A 279 -5.25 -32.10 -5.22
CA MET A 279 -5.22 -31.12 -6.29
C MET A 279 -4.86 -31.77 -7.61
N LEU A 280 -3.81 -32.60 -7.60
CA LEU A 280 -3.45 -33.33 -8.83
C LEU A 280 -4.59 -34.20 -9.30
N VAL A 281 -5.25 -34.92 -8.39
CA VAL A 281 -6.28 -35.86 -8.79
C VAL A 281 -7.44 -35.14 -9.47
N TYR A 282 -7.98 -34.11 -8.84
CA TYR A 282 -9.12 -33.47 -9.48
C TYR A 282 -8.74 -32.57 -10.64
N THR A 283 -7.48 -32.11 -10.74
CA THR A 283 -7.05 -31.45 -11.98
C THR A 283 -7.08 -32.44 -13.14
N LEU A 284 -6.54 -33.64 -12.92
CA LEU A 284 -6.56 -34.64 -13.98
C LEU A 284 -7.99 -35.01 -14.36
N LEU A 285 -8.86 -35.19 -13.36
CA LEU A 285 -10.24 -35.54 -13.66
C LEU A 285 -10.96 -34.42 -14.41
N THR A 286 -10.67 -33.17 -14.06
CA THR A 286 -11.26 -32.05 -14.79
C THR A 286 -10.80 -32.04 -16.24
N PHE A 287 -9.52 -32.33 -16.48
CA PHE A 287 -9.04 -32.41 -17.85
C PHE A 287 -9.78 -33.50 -18.62
N VAL A 288 -9.96 -34.67 -17.99
CA VAL A 288 -10.66 -35.77 -18.66
C VAL A 288 -12.10 -35.37 -18.99
N PHE A 289 -12.79 -34.74 -18.03
CA PHE A 289 -14.16 -34.35 -18.27
C PHE A 289 -14.26 -33.31 -19.39
N LEU A 290 -13.34 -32.34 -19.40
CA LEU A 290 -13.36 -31.35 -20.46
C LEU A 290 -13.12 -31.99 -21.82
N GLN A 291 -12.21 -32.95 -21.89
CA GLN A 291 -12.00 -33.66 -23.15
C GLN A 291 -13.25 -34.42 -23.58
N TRP A 292 -13.95 -35.04 -22.62
CA TRP A 292 -15.16 -35.76 -22.97
C TRP A 292 -16.25 -34.82 -23.47
N HIS A 293 -16.39 -33.65 -22.84
CA HIS A 293 -17.53 -32.79 -23.14
C HIS A 293 -17.42 -32.15 -24.52
N PHE A 294 -16.23 -31.68 -24.90
CA PHE A 294 -16.08 -30.91 -26.11
C PHE A 294 -15.35 -31.64 -27.24
N MET A 295 -14.42 -32.53 -26.92
CA MET A 295 -13.60 -33.17 -27.94
C MET A 295 -14.12 -34.54 -28.35
N GLY A 296 -15.22 -35.02 -27.75
CA GLY A 296 -15.75 -36.32 -28.08
C GLY A 296 -14.77 -37.44 -27.81
N LEU A 297 -14.24 -37.49 -26.59
CA LEU A 297 -13.18 -38.43 -26.26
C LEU A 297 -13.63 -39.88 -26.44
N TRP A 298 -14.75 -40.24 -25.81
CA TRP A 298 -15.21 -41.62 -25.85
C TRP A 298 -16.22 -41.90 -26.95
N ARG A 299 -16.57 -40.89 -27.76
CA ARG A 299 -17.51 -41.10 -28.86
C ARG A 299 -16.76 -40.99 -30.17
N PRO A 300 -16.38 -42.10 -30.80
CA PRO A 300 -15.62 -42.00 -32.05
C PRO A 300 -16.45 -41.52 -33.23
N LYS A 301 -17.74 -41.87 -33.25
CA LYS A 301 -18.60 -41.53 -34.39
C LYS A 301 -19.15 -40.11 -34.30
N SER A 302 -18.86 -39.38 -33.23
CA SER A 302 -19.34 -38.01 -33.12
C SER A 302 -18.62 -37.12 -34.13
N LYS A 303 -19.35 -36.12 -34.62
CA LYS A 303 -18.76 -35.21 -35.61
C LYS A 303 -17.62 -34.39 -35.00
N GLU A 304 -17.68 -34.16 -33.68
CA GLU A 304 -16.61 -33.44 -33.02
C GLU A 304 -15.30 -34.22 -33.09
N ALA A 305 -15.38 -35.55 -32.98
CA ALA A 305 -14.18 -36.38 -33.10
C ALA A 305 -13.55 -36.23 -34.47
N GLN A 306 -14.37 -36.01 -35.51
CA GLN A 306 -13.83 -35.80 -36.85
C GLN A 306 -12.98 -34.54 -36.89
N GLU A 307 -13.42 -33.48 -36.22
CA GLU A 307 -12.63 -32.25 -36.19
C GLU A 307 -11.30 -32.48 -35.48
N VAL A 308 -11.31 -33.25 -34.39
CA VAL A 308 -10.08 -33.57 -33.69
C VAL A 308 -9.15 -34.37 -34.59
N GLN A 309 -9.70 -35.33 -35.33
CA GLN A 309 -8.88 -36.13 -36.24
C GLN A 309 -8.28 -35.26 -37.33
N ARG A 310 -9.06 -34.33 -37.88
CA ARG A 310 -8.54 -33.39 -38.85
C ARG A 310 -7.42 -32.55 -38.27
N GLY A 311 -7.58 -32.10 -37.02
CA GLY A 311 -6.54 -31.35 -36.37
C GLY A 311 -5.27 -32.16 -36.15
N ARG A 312 -5.42 -33.47 -35.92
CA ARG A 312 -4.26 -34.32 -35.74
C ARG A 312 -3.37 -34.33 -36.97
N GLU A 313 -3.97 -34.40 -38.15
CA GLU A 313 -3.24 -34.55 -39.40
C GLU A 313 -3.17 -33.20 -40.10
N GLY A 314 -1.97 -32.63 -40.18
CA GLY A 314 -1.73 -31.43 -40.94
C GLY A 314 -1.63 -30.15 -40.14
N ALA A 315 -2.15 -30.14 -38.91
CA ALA A 315 -2.07 -28.96 -38.05
C ALA A 315 -0.94 -29.05 -37.03
N ASP A 316 -0.45 -30.27 -36.75
CA ASP A 316 0.66 -30.42 -35.82
C ASP A 316 1.88 -29.64 -36.29
N VAL A 317 2.21 -29.77 -37.58
CA VAL A 317 3.38 -29.07 -38.11
C VAL A 317 3.18 -27.56 -38.05
N ALA A 318 1.96 -27.10 -38.33
CA ALA A 318 1.69 -25.66 -38.29
C ALA A 318 1.88 -25.11 -36.89
N LYS A 319 1.28 -25.76 -35.90
CA LYS A 319 1.41 -25.22 -34.54
C LYS A 319 2.83 -25.38 -34.05
N LYS A 320 3.53 -26.44 -34.47
CA LYS A 320 4.93 -26.60 -34.10
C LYS A 320 5.77 -25.46 -34.64
N VAL A 321 5.55 -25.09 -35.90
CA VAL A 321 6.29 -23.99 -36.50
C VAL A 321 6.02 -22.70 -35.75
N ILE A 322 4.73 -22.43 -35.48
CA ILE A 322 4.41 -21.17 -34.82
C ILE A 322 4.97 -21.14 -33.40
N ASP A 323 4.98 -22.29 -32.72
CA ASP A 323 5.52 -22.36 -31.37
C ASP A 323 7.03 -22.17 -31.36
N GLN A 324 7.73 -22.80 -32.31
CA GLN A 324 9.17 -22.63 -32.38
C GLN A 324 9.54 -21.18 -32.66
N ARG A 325 8.82 -20.55 -33.60
CA ARG A 325 9.11 -19.14 -33.90
C ARG A 325 8.75 -18.25 -32.72
N TYR A 326 7.68 -18.58 -32.00
CA TYR A 326 7.27 -17.76 -30.87
C TYR A 326 8.24 -17.91 -29.71
N LYS A 327 8.95 -19.05 -29.66
CA LYS A 327 10.07 -19.23 -28.74
C LYS A 327 11.37 -18.72 -29.39
N ASP A 328 11.42 -17.40 -29.54
CA ASP A 328 12.59 -16.73 -30.09
C ASP A 328 13.22 -15.76 -29.09
N LEU A 329 12.97 -15.98 -27.80
CA LEU A 329 13.47 -15.06 -26.77
C LEU A 329 14.98 -14.94 -26.83
N GLY A 330 15.67 -16.04 -27.13
CA GLY A 330 17.11 -16.02 -27.26
C GLY A 330 17.80 -16.86 -26.22
N PRO A 331 19.12 -16.82 -26.19
CA PRO A 331 19.85 -17.58 -25.17
C PRO A 331 19.51 -17.07 -23.78
N MET A 332 19.51 -17.98 -22.82
CA MET A 332 19.08 -17.65 -21.47
C MET A 332 20.11 -16.73 -20.81
N SER A 333 19.64 -15.59 -20.33
CA SER A 333 20.51 -14.56 -19.79
C SER A 333 20.79 -14.78 -18.30
N ILE A 334 21.80 -14.07 -17.80
CA ILE A 334 22.18 -14.19 -16.39
C ILE A 334 21.07 -13.63 -15.49
N HIS A 335 20.30 -12.68 -16.00
CA HIS A 335 19.18 -12.10 -15.24
C HIS A 335 18.22 -13.19 -14.77
N GLU A 336 17.76 -14.01 -15.71
CA GLU A 336 16.81 -15.07 -15.37
C GLU A 336 17.43 -16.11 -14.45
N ILE A 337 18.71 -16.43 -14.65
CA ILE A 337 19.36 -17.40 -13.80
C ILE A 337 19.39 -16.91 -12.36
N GLN A 338 19.73 -15.65 -12.16
CA GLN A 338 19.75 -15.11 -10.80
C GLN A 338 18.36 -15.12 -10.17
N VAL A 339 17.34 -14.74 -10.94
CA VAL A 339 16.00 -14.73 -10.39
C VAL A 339 15.58 -16.14 -9.99
N MET A 340 15.86 -17.13 -10.84
CA MET A 340 15.49 -18.51 -10.54
C MET A 340 16.21 -19.01 -9.29
N ILE A 341 17.50 -18.71 -9.16
CA ILE A 341 18.23 -19.16 -7.99
C ILE A 341 17.65 -18.55 -6.73
N LEU A 342 17.32 -17.27 -6.77
CA LEU A 342 16.71 -16.64 -5.60
C LEU A 342 15.38 -17.30 -5.24
N PHE A 343 14.55 -17.59 -6.25
CA PHE A 343 13.25 -18.20 -5.97
C PHE A 343 13.41 -19.58 -5.33
N ILE A 344 14.30 -20.40 -5.89
CA ILE A 344 14.53 -21.72 -5.33
C ILE A 344 15.05 -21.63 -3.92
N PHE A 345 15.95 -20.68 -3.66
CA PHE A 345 16.48 -20.51 -2.31
C PHE A 345 15.36 -20.14 -1.34
N MET A 346 14.43 -19.28 -1.78
CA MET A 346 13.32 -18.92 -0.90
C MET A 346 12.49 -20.14 -0.55
N VAL A 347 12.17 -20.97 -1.54
CA VAL A 347 11.37 -22.17 -1.26
C VAL A 347 12.10 -23.08 -0.28
N VAL A 348 13.41 -23.28 -0.51
CA VAL A 348 14.18 -24.14 0.39
C VAL A 348 14.18 -23.57 1.80
N MET A 349 14.27 -22.25 1.95
CA MET A 349 14.19 -21.66 3.27
C MET A 349 12.86 -21.95 3.94
N TYR A 350 11.76 -21.88 3.18
CA TYR A 350 10.47 -22.28 3.75
C TYR A 350 10.51 -23.72 4.26
N PHE A 351 11.06 -24.64 3.45
CA PHE A 351 10.95 -26.04 3.85
C PHE A 351 11.85 -26.40 5.02
N THR A 352 12.91 -25.64 5.26
CA THR A 352 13.90 -26.01 6.26
C THR A 352 13.64 -25.36 7.63
N ARG A 353 12.58 -24.57 7.76
CA ARG A 353 12.37 -23.78 8.97
C ARG A 353 12.26 -24.67 10.20
N LYS A 354 11.45 -25.72 10.13
CA LYS A 354 11.25 -26.56 11.34
C LYS A 354 10.84 -27.98 10.91
N PRO A 355 11.75 -28.79 10.32
CA PRO A 355 11.41 -30.15 9.97
C PRO A 355 11.58 -31.05 11.19
N GLY A 356 10.99 -32.24 11.15
CA GLY A 356 11.20 -33.20 12.26
C GLY A 356 12.51 -33.94 12.08
N ILE A 357 13.00 -34.02 10.84
CA ILE A 357 14.25 -34.77 10.55
C ILE A 357 15.43 -34.10 11.29
N PHE A 358 15.53 -32.77 11.21
CA PHE A 358 16.68 -32.06 11.82
C PHE A 358 16.21 -30.72 12.38
N LEU A 359 17.07 -30.05 13.16
CA LEU A 359 16.69 -28.76 13.78
C LEU A 359 16.45 -27.69 12.70
N GLY A 360 17.38 -27.55 11.75
CA GLY A 360 17.25 -26.50 10.73
C GLY A 360 17.42 -25.13 11.36
N TRP A 361 17.05 -24.06 10.65
CA TRP A 361 17.12 -22.71 11.27
C TRP A 361 15.93 -22.53 12.21
N ALA A 362 15.74 -21.33 12.77
CA ALA A 362 14.66 -21.09 13.76
C ALA A 362 14.99 -21.80 15.06
N ASP A 363 15.26 -23.11 15.00
CA ASP A 363 15.68 -23.86 16.21
C ASP A 363 17.07 -23.38 16.63
N LEU A 364 17.98 -23.21 15.67
CA LEU A 364 19.35 -22.71 15.98
C LEU A 364 19.25 -21.27 16.51
N LEU A 365 18.54 -20.40 15.80
CA LEU A 365 18.35 -19.01 16.28
C LEU A 365 17.12 -18.97 17.20
N ASN A 366 17.26 -19.47 18.43
CA ASN A 366 16.08 -19.58 19.34
C ASN A 366 16.02 -18.37 20.30
N SER A 367 16.89 -17.39 20.12
CA SER A 367 16.83 -16.16 20.96
C SER A 367 15.41 -15.58 20.89
N LYS A 368 14.92 -15.31 19.67
CA LYS A 368 13.54 -14.80 19.48
C LYS A 368 12.82 -15.70 18.48
N ASP A 369 11.53 -15.48 18.25
CA ASP A 369 10.74 -16.35 17.34
C ASP A 369 10.84 -15.81 15.91
N ILE A 370 11.61 -16.49 15.05
CA ILE A 370 11.70 -16.09 13.61
C ILE A 370 10.49 -16.69 12.88
N ARG A 371 10.05 -16.07 11.79
CA ARG A 371 8.88 -16.59 11.02
C ARG A 371 9.24 -16.63 9.53
N ASN A 372 8.30 -17.06 8.69
CA ASN A 372 8.58 -17.17 7.23
C ASN A 372 8.54 -15.79 6.58
N SER A 373 8.34 -14.74 7.38
CA SER A 373 8.38 -13.36 6.84
C SER A 373 9.82 -13.02 6.45
N MET A 374 10.80 -13.49 7.23
CA MET A 374 12.22 -13.11 6.96
C MET A 374 12.70 -13.67 5.60
N PRO A 375 12.46 -14.94 5.21
CA PRO A 375 12.97 -15.43 3.94
C PRO A 375 12.50 -14.60 2.76
N THR A 376 11.25 -14.14 2.77
CA THR A 376 10.70 -13.41 1.61
C THR A 376 11.34 -12.05 1.49
N ILE A 377 11.18 -11.19 2.49
CA ILE A 377 11.70 -9.83 2.45
C ILE A 377 13.18 -9.84 2.13
N PHE A 378 13.90 -10.85 2.62
CA PHE A 378 15.30 -11.00 2.27
C PHE A 378 15.48 -11.16 0.77
N VAL A 379 14.63 -11.97 0.15
CA VAL A 379 14.71 -12.15 -1.30
C VAL A 379 14.41 -10.86 -2.02
N VAL A 380 13.43 -10.09 -1.54
CA VAL A 380 13.12 -8.81 -2.18
C VAL A 380 14.32 -7.87 -2.12
N VAL A 381 14.92 -7.76 -0.94
CA VAL A 381 16.07 -6.87 -0.78
C VAL A 381 17.23 -7.33 -1.67
N MET A 382 17.47 -8.63 -1.70
CA MET A 382 18.54 -9.16 -2.55
C MET A 382 18.26 -8.88 -4.02
N CYS A 383 16.99 -8.96 -4.43
CA CYS A 383 16.64 -8.61 -5.80
C CYS A 383 16.98 -7.17 -6.09
N PHE A 384 16.75 -6.28 -5.13
CA PHE A 384 17.08 -4.88 -5.38
C PHE A 384 18.59 -4.64 -5.41
N MET A 385 19.37 -5.34 -4.59
CA MET A 385 20.79 -5.05 -4.54
C MET A 385 21.57 -5.58 -5.73
N LEU A 386 21.24 -6.78 -6.21
CA LEU A 386 22.07 -7.45 -7.20
C LEU A 386 22.01 -6.74 -8.55
N PRO A 387 23.07 -6.80 -9.32
CA PRO A 387 23.07 -6.22 -10.67
C PRO A 387 22.39 -7.16 -11.67
N ALA A 388 22.45 -6.77 -12.94
CA ALA A 388 21.79 -7.54 -13.99
C ALA A 388 22.68 -7.91 -15.17
N ASN A 389 23.86 -7.33 -15.31
CA ASN A 389 24.68 -7.56 -16.49
C ASN A 389 26.05 -8.13 -16.19
N TYR A 390 26.71 -7.68 -15.13
CA TYR A 390 28.09 -8.07 -14.82
C TYR A 390 29.02 -7.72 -15.98
N ALA A 391 28.72 -6.62 -16.66
CA ALA A 391 29.57 -6.13 -17.74
C ALA A 391 30.66 -5.17 -17.26
N PHE A 392 30.57 -4.69 -16.02
CA PHE A 392 31.56 -3.75 -15.51
C PHE A 392 32.88 -4.43 -15.16
N LEU A 393 32.90 -5.77 -15.11
CA LEU A 393 34.16 -6.45 -14.80
C LEU A 393 35.22 -6.20 -15.86
N ARG A 394 34.82 -5.73 -17.04
CA ARG A 394 35.78 -5.42 -18.09
C ARG A 394 36.74 -4.33 -17.65
N TYR A 395 36.29 -3.44 -16.76
CA TYR A 395 37.17 -2.39 -16.25
C TYR A 395 38.36 -2.98 -15.51
N CYS A 396 38.10 -3.87 -14.57
CA CYS A 396 39.18 -4.37 -13.71
C CYS A 396 40.19 -5.19 -14.49
N THR A 397 39.71 -6.10 -15.34
CA THR A 397 40.59 -6.93 -16.15
C THR A 397 39.77 -7.49 -17.30
N ARG A 398 40.48 -8.11 -18.25
CA ARG A 398 39.86 -8.71 -19.43
C ARG A 398 39.04 -7.66 -20.19
N ARG A 399 39.75 -6.68 -20.71
CA ARG A 399 39.14 -5.58 -21.47
C ARG A 399 38.67 -6.10 -22.82
N GLY A 400 37.62 -6.91 -22.79
CA GLY A 400 36.99 -7.40 -23.99
C GLY A 400 35.55 -6.96 -24.10
N GLY A 401 35.24 -6.20 -25.15
CA GLY A 401 33.92 -5.64 -25.31
C GLY A 401 33.82 -4.25 -24.73
N PRO A 402 32.83 -3.47 -25.19
CA PRO A 402 32.67 -2.11 -24.68
C PRO A 402 32.22 -2.09 -23.23
N VAL A 403 32.74 -1.13 -22.48
CA VAL A 403 32.36 -0.92 -21.09
C VAL A 403 30.98 -0.25 -21.06
N PRO A 404 30.18 -0.49 -20.02
CA PRO A 404 28.88 0.18 -19.94
C PRO A 404 29.02 1.68 -19.85
N THR A 405 28.07 2.39 -20.45
CA THR A 405 28.07 3.85 -20.46
C THR A 405 27.22 4.46 -19.35
N GLY A 406 26.52 3.64 -18.57
CA GLY A 406 25.66 4.14 -17.53
C GLY A 406 25.53 3.16 -16.38
N PRO A 407 24.82 3.56 -15.33
CA PRO A 407 24.62 2.65 -14.19
C PRO A 407 23.90 1.38 -14.62
N THR A 408 24.35 0.26 -14.09
CA THR A 408 23.73 -1.02 -14.43
C THR A 408 22.41 -1.19 -13.70
N PRO A 409 21.33 -1.55 -14.40
CA PRO A 409 20.05 -1.70 -13.73
C PRO A 409 20.05 -2.90 -12.79
N SER A 410 19.20 -2.83 -11.77
CA SER A 410 19.02 -3.94 -10.84
C SER A 410 18.07 -4.97 -11.43
N LEU A 411 17.77 -6.00 -10.65
CA LEU A 411 16.87 -7.04 -11.12
C LEU A 411 15.45 -6.51 -11.32
N ILE A 412 15.01 -5.60 -10.46
CA ILE A 412 13.68 -5.02 -10.55
C ILE A 412 13.76 -3.54 -10.17
N THR A 413 12.73 -2.79 -10.55
CA THR A 413 12.65 -1.37 -10.25
C THR A 413 11.42 -1.10 -9.40
N TRP A 414 11.53 -0.08 -8.53
CA TRP A 414 10.41 0.21 -7.65
C TRP A 414 9.19 0.71 -8.40
N LYS A 415 9.39 1.35 -9.55
CA LYS A 415 8.25 1.83 -10.33
C LYS A 415 7.37 0.67 -10.77
N PHE A 416 7.98 -0.45 -11.18
CA PHE A 416 7.20 -1.61 -11.57
C PHE A 416 6.38 -2.15 -10.41
N ILE A 417 6.97 -2.21 -9.22
CA ILE A 417 6.27 -2.73 -8.05
C ILE A 417 5.11 -1.81 -7.68
N GLN A 418 5.35 -0.50 -7.71
CA GLN A 418 4.34 0.43 -7.21
C GLN A 418 3.10 0.43 -8.08
N THR A 419 3.25 0.11 -9.37
CA THR A 419 2.13 0.22 -10.29
C THR A 419 1.34 -1.07 -10.44
N LYS A 420 1.88 -2.20 -9.97
CA LYS A 420 1.24 -3.49 -10.22
C LYS A 420 0.71 -4.18 -8.97
N VAL A 421 1.19 -3.84 -7.79
CA VAL A 421 0.75 -4.56 -6.59
C VAL A 421 -0.67 -4.13 -6.23
N PRO A 422 -1.58 -5.08 -5.94
CA PRO A 422 -2.94 -4.70 -5.52
C PRO A 422 -3.00 -4.31 -4.06
N TRP A 423 -2.74 -3.04 -3.75
CA TRP A 423 -2.54 -2.62 -2.37
C TRP A 423 -3.80 -2.76 -1.51
N GLY A 424 -4.99 -2.85 -2.11
CA GLY A 424 -6.20 -2.98 -1.32
C GLY A 424 -6.32 -4.29 -0.57
N LEU A 425 -5.53 -5.30 -0.95
CA LEU A 425 -5.56 -6.56 -0.24
C LEU A 425 -5.15 -6.38 1.22
N VAL A 426 -4.32 -5.38 1.50
CA VAL A 426 -3.97 -5.09 2.90
C VAL A 426 -5.22 -4.82 3.70
N PHE A 427 -6.05 -3.90 3.22
CA PHE A 427 -7.27 -3.55 3.93
C PHE A 427 -8.23 -4.73 3.98
N LEU A 428 -8.36 -5.48 2.88
CA LEU A 428 -9.31 -6.58 2.88
C LEU A 428 -8.95 -7.66 3.91
N LEU A 429 -7.70 -8.15 3.84
CA LEU A 429 -7.29 -9.20 4.77
C LEU A 429 -7.29 -8.69 6.20
N GLY A 430 -6.82 -7.47 6.42
CA GLY A 430 -6.84 -6.93 7.77
C GLY A 430 -8.24 -6.80 8.32
N GLY A 431 -9.18 -6.35 7.49
CA GLY A 431 -10.55 -6.24 7.95
C GLY A 431 -11.12 -7.57 8.36
N GLY A 432 -10.82 -8.62 7.59
CA GLY A 432 -11.24 -9.95 8.00
C GLY A 432 -10.68 -10.33 9.35
N PHE A 433 -9.37 -10.12 9.54
CA PHE A 433 -8.74 -10.51 10.80
C PHE A 433 -9.33 -9.72 11.96
N ALA A 434 -9.52 -8.41 11.78
CA ALA A 434 -10.04 -7.57 12.85
C ALA A 434 -11.46 -7.95 13.21
N LEU A 435 -12.29 -8.26 12.20
CA LEU A 435 -13.64 -8.69 12.48
C LEU A 435 -13.64 -9.97 13.30
N ALA A 436 -12.78 -10.93 12.94
CA ALA A 436 -12.71 -12.17 13.71
C ALA A 436 -12.30 -11.90 15.15
N GLU A 437 -11.27 -11.08 15.35
CA GLU A 437 -10.78 -10.81 16.70
C GLU A 437 -11.84 -10.10 17.54
N GLY A 438 -12.52 -9.11 16.96
CA GLY A 438 -13.55 -8.41 17.68
C GLY A 438 -14.71 -9.31 18.04
N SER A 439 -15.09 -10.20 17.11
CA SER A 439 -16.15 -11.16 17.42
C SER A 439 -15.75 -12.07 18.57
N LYS A 440 -14.48 -12.47 18.63
CA LYS A 440 -14.03 -13.27 19.76
C LYS A 440 -14.11 -12.49 21.07
N GLN A 441 -13.61 -11.26 21.06
CA GLN A 441 -13.49 -10.52 22.32
C GLN A 441 -14.85 -10.08 22.86
N SER A 442 -15.77 -9.71 21.97
CA SER A 442 -17.06 -9.20 22.41
C SER A 442 -17.87 -10.26 23.14
N GLY A 443 -17.72 -11.52 22.76
CA GLY A 443 -18.51 -12.60 23.33
C GLY A 443 -19.66 -13.05 22.46
N MET A 444 -19.85 -12.43 21.30
CA MET A 444 -20.92 -12.83 20.38
C MET A 444 -20.66 -14.22 19.78
N ALA A 445 -19.39 -14.62 19.71
CA ALA A 445 -19.06 -15.94 19.22
C ALA A 445 -19.65 -17.03 20.11
N LYS A 446 -19.58 -16.85 21.43
CA LYS A 446 -20.21 -17.80 22.33
C LYS A 446 -21.72 -17.84 22.12
N LEU A 447 -22.31 -16.69 21.79
CA LEU A 447 -23.74 -16.64 21.52
C LEU A 447 -24.11 -17.50 20.31
N ILE A 448 -23.37 -17.36 19.21
CA ILE A 448 -23.65 -18.23 18.06
C ILE A 448 -23.39 -19.68 18.41
N GLY A 449 -22.33 -19.95 19.16
CA GLY A 449 -22.02 -21.33 19.51
C GLY A 449 -23.15 -21.99 20.28
N ASN A 450 -23.73 -21.27 21.24
CA ASN A 450 -24.90 -21.80 21.94
C ASN A 450 -26.11 -21.88 21.01
N ALA A 451 -26.21 -20.96 20.05
CA ALA A 451 -27.37 -20.98 19.15
C ALA A 451 -27.39 -22.22 18.27
N LEU A 452 -26.22 -22.64 17.79
CA LEU A 452 -26.15 -23.71 16.80
C LEU A 452 -25.94 -25.10 17.40
N ILE A 453 -26.13 -25.27 18.70
CA ILE A 453 -25.86 -26.53 19.37
C ILE A 453 -26.80 -27.63 18.89
N GLY A 454 -27.88 -27.25 18.20
CA GLY A 454 -28.88 -28.22 17.79
C GLY A 454 -28.39 -29.25 16.79
N LEU A 455 -27.27 -29.00 16.11
CA LEU A 455 -26.77 -29.87 15.05
C LEU A 455 -26.00 -31.07 15.58
N LYS A 456 -26.06 -31.36 16.88
CA LYS A 456 -25.28 -32.47 17.42
C LYS A 456 -25.82 -33.82 17.00
N VAL A 457 -27.09 -33.90 16.59
CA VAL A 457 -27.70 -35.19 16.28
C VAL A 457 -27.04 -35.85 15.08
N LEU A 458 -26.75 -35.07 14.05
CA LEU A 458 -26.31 -35.63 12.78
C LEU A 458 -24.89 -36.20 12.89
N PRO A 459 -24.59 -37.24 12.13
CA PRO A 459 -23.23 -37.81 12.15
C PRO A 459 -22.24 -36.87 11.48
N ASN A 460 -20.95 -37.13 11.75
CA ASN A 460 -19.90 -36.22 11.31
C ASN A 460 -19.85 -36.09 9.79
N SER A 461 -20.01 -37.21 9.08
CA SER A 461 -19.90 -37.18 7.63
C SER A 461 -20.95 -36.26 7.02
N VAL A 462 -22.16 -36.28 7.56
CA VAL A 462 -23.22 -35.43 7.03
C VAL A 462 -22.88 -33.96 7.28
N LEU A 463 -22.32 -33.64 8.45
CA LEU A 463 -21.85 -32.28 8.69
C LEU A 463 -20.82 -31.86 7.67
N LEU A 464 -19.85 -32.75 7.38
CA LEU A 464 -18.82 -32.41 6.42
C LEU A 464 -19.44 -32.13 5.05
N LEU A 465 -20.35 -32.99 4.62
CA LEU A 465 -20.97 -32.82 3.31
C LEU A 465 -21.77 -31.53 3.22
N VAL A 466 -22.57 -31.23 4.25
CA VAL A 466 -23.40 -30.04 4.19
C VAL A 466 -22.55 -28.79 4.26
N VAL A 467 -21.46 -28.82 5.04
CA VAL A 467 -20.58 -27.66 5.11
C VAL A 467 -19.95 -27.40 3.75
N ILE A 468 -19.49 -28.46 3.08
CA ILE A 468 -18.89 -28.28 1.75
C ILE A 468 -19.91 -27.72 0.78
N LEU A 469 -21.13 -28.27 0.79
CA LEU A 469 -22.16 -27.82 -0.13
C LEU A 469 -22.51 -26.35 0.11
N VAL A 470 -22.66 -25.96 1.38
CA VAL A 470 -23.00 -24.58 1.69
C VAL A 470 -21.88 -23.64 1.25
N ALA A 471 -20.63 -24.03 1.49
CA ALA A 471 -19.51 -23.19 1.08
C ALA A 471 -19.50 -22.99 -0.43
N VAL A 472 -19.72 -24.06 -1.20
CA VAL A 472 -19.73 -23.94 -2.65
C VAL A 472 -20.87 -23.03 -3.10
N PHE A 473 -22.07 -23.26 -2.55
CA PHE A 473 -23.23 -22.48 -2.96
C PHE A 473 -23.02 -21.00 -2.67
N LEU A 474 -22.46 -20.67 -1.51
CA LEU A 474 -22.23 -19.27 -1.18
C LEU A 474 -21.15 -18.66 -2.05
N THR A 475 -20.05 -19.37 -2.28
CA THR A 475 -18.98 -18.80 -3.09
C THR A 475 -19.35 -18.69 -4.56
N ALA A 476 -20.45 -19.32 -4.98
CA ALA A 476 -20.86 -19.20 -6.37
C ALA A 476 -21.19 -17.76 -6.75
N PHE A 477 -21.75 -16.99 -5.82
CA PHE A 477 -22.34 -15.69 -6.13
C PHE A 477 -21.51 -14.48 -5.71
N SER A 478 -20.34 -14.67 -5.10
CA SER A 478 -19.61 -13.52 -4.58
C SER A 478 -18.13 -13.85 -4.48
N SER A 479 -17.36 -12.88 -3.98
CA SER A 479 -15.93 -13.04 -3.86
C SER A 479 -15.58 -14.12 -2.85
N ASN A 480 -14.50 -14.85 -3.13
CA ASN A 480 -14.11 -15.95 -2.26
C ASN A 480 -13.68 -15.47 -0.88
N VAL A 481 -12.92 -14.38 -0.83
CA VAL A 481 -12.37 -13.90 0.44
C VAL A 481 -13.49 -13.49 1.38
N ALA A 482 -14.50 -12.80 0.85
CA ALA A 482 -15.62 -12.39 1.69
C ALA A 482 -16.34 -13.59 2.28
N ILE A 483 -16.57 -14.62 1.46
CA ILE A 483 -17.26 -15.81 1.96
C ILE A 483 -16.43 -16.48 3.05
N ALA A 484 -15.12 -16.57 2.84
CA ALA A 484 -14.26 -17.17 3.87
C ALA A 484 -14.35 -16.40 5.16
N ASN A 485 -14.23 -15.07 5.09
CA ASN A 485 -14.29 -14.25 6.30
C ASN A 485 -15.62 -14.41 7.02
N ILE A 486 -16.72 -14.49 6.26
CA ILE A 486 -18.02 -14.62 6.89
C ILE A 486 -18.16 -15.97 7.59
N ILE A 487 -17.73 -17.05 6.94
CA ILE A 487 -18.14 -18.37 7.42
C ILE A 487 -17.13 -19.04 8.36
N ILE A 488 -15.84 -18.72 8.27
CA ILE A 488 -14.85 -19.47 9.06
C ILE A 488 -15.07 -19.34 10.57
N PRO A 489 -15.19 -18.14 11.14
CA PRO A 489 -15.37 -18.07 12.61
C PRO A 489 -16.62 -18.77 13.11
N VAL A 490 -17.71 -18.74 12.33
CA VAL A 490 -18.92 -19.45 12.72
C VAL A 490 -18.63 -20.94 12.79
N LEU A 491 -17.89 -21.46 11.81
CA LEU A 491 -17.52 -22.87 11.85
C LEU A 491 -16.65 -23.18 13.07
N ALA A 492 -15.72 -22.29 13.40
CA ALA A 492 -14.88 -22.53 14.57
C ALA A 492 -15.72 -22.62 15.84
N GLU A 493 -16.65 -21.68 16.03
CA GLU A 493 -17.47 -21.70 17.23
C GLU A 493 -18.39 -22.91 17.25
N MET A 494 -18.98 -23.27 16.10
CA MET A 494 -19.84 -24.45 16.06
C MET A 494 -19.06 -25.72 16.39
N SER A 495 -17.83 -25.83 15.87
CA SER A 495 -17.01 -26.98 16.16
C SER A 495 -16.64 -27.03 17.64
N LEU A 496 -16.46 -25.87 18.26
CA LEU A 496 -16.22 -25.85 19.70
C LEU A 496 -17.44 -26.30 20.48
N ALA A 497 -18.63 -25.86 20.06
CA ALA A 497 -19.84 -26.19 20.81
C ALA A 497 -20.10 -27.69 20.82
N ILE A 498 -20.01 -28.33 19.65
CA ILE A 498 -20.08 -29.78 19.53
C ILE A 498 -18.69 -30.29 19.85
N GLU A 499 -18.53 -31.60 20.03
CA GLU A 499 -17.21 -32.17 20.28
C GLU A 499 -16.60 -32.68 18.97
N ILE A 500 -16.14 -31.72 18.18
CA ILE A 500 -15.53 -32.00 16.87
C ILE A 500 -14.24 -31.21 16.76
N HIS A 501 -13.19 -31.86 16.24
CA HIS A 501 -11.93 -31.18 16.04
C HIS A 501 -12.10 -30.06 15.02
N PRO A 502 -11.67 -28.83 15.34
CA PRO A 502 -11.94 -27.71 14.43
C PRO A 502 -11.36 -27.86 13.03
N LEU A 503 -10.16 -28.44 12.90
CA LEU A 503 -9.56 -28.59 11.59
C LEU A 503 -10.44 -29.45 10.68
N TYR A 504 -11.06 -30.48 11.25
CA TYR A 504 -11.85 -31.44 10.51
C TYR A 504 -12.94 -30.77 9.69
N LEU A 505 -13.45 -29.63 10.15
CA LEU A 505 -14.42 -28.86 9.38
C LEU A 505 -13.82 -27.65 8.71
N ILE A 506 -12.77 -27.05 9.28
CA ILE A 506 -12.24 -25.80 8.72
C ILE A 506 -11.52 -26.06 7.40
N LEU A 507 -10.68 -27.09 7.34
CA LEU A 507 -9.90 -27.31 6.12
C LEU A 507 -10.77 -27.60 4.90
N PRO A 508 -11.70 -28.56 4.92
CA PRO A 508 -12.52 -28.78 3.72
C PRO A 508 -13.30 -27.55 3.29
N ALA A 509 -13.87 -26.81 4.23
CA ALA A 509 -14.61 -25.61 3.86
C ALA A 509 -13.69 -24.55 3.28
N GLY A 510 -12.52 -24.36 3.89
CA GLY A 510 -11.58 -23.39 3.37
C GLY A 510 -11.15 -23.69 1.95
N LEU A 511 -10.89 -24.97 1.66
CA LEU A 511 -10.56 -25.34 0.29
C LEU A 511 -11.77 -25.19 -0.64
N ALA A 512 -12.96 -25.51 -0.14
CA ALA A 512 -14.14 -25.48 -1.00
C ALA A 512 -14.54 -24.06 -1.37
N CYS A 513 -14.18 -23.07 -0.55
CA CYS A 513 -14.53 -21.70 -0.88
C CYS A 513 -13.93 -21.25 -2.21
N SER A 514 -12.86 -21.91 -2.66
CA SER A 514 -12.18 -21.49 -3.88
C SER A 514 -12.78 -22.11 -5.14
N MET A 515 -13.65 -23.10 -5.00
CA MET A 515 -14.19 -23.82 -6.16
C MET A 515 -15.39 -23.06 -6.71
N ALA A 516 -15.15 -22.23 -7.72
CA ALA A 516 -16.19 -21.45 -8.37
C ALA A 516 -16.00 -21.53 -9.88
N PHE A 517 -16.99 -22.06 -10.58
CA PHE A 517 -16.89 -22.26 -12.02
C PHE A 517 -18.10 -21.81 -12.83
N HIS A 518 -19.25 -21.57 -12.21
CA HIS A 518 -20.48 -21.45 -12.98
C HIS A 518 -20.65 -20.07 -13.60
N LEU A 519 -20.63 -19.03 -12.79
CA LEU A 519 -21.01 -17.72 -13.31
C LEU A 519 -19.80 -16.81 -13.48
N PRO A 520 -19.85 -15.86 -14.41
CA PRO A 520 -18.73 -14.92 -14.57
C PRO A 520 -18.44 -14.11 -13.32
N VAL A 521 -19.47 -13.78 -12.53
CA VAL A 521 -19.26 -12.97 -11.35
C VAL A 521 -18.56 -13.76 -10.24
N SER A 522 -18.49 -15.08 -10.37
CA SER A 522 -17.96 -15.91 -9.28
C SER A 522 -16.50 -15.60 -9.00
N THR A 523 -15.68 -15.46 -10.04
CA THR A 523 -14.25 -15.26 -9.85
C THR A 523 -13.70 -14.43 -11.00
N PRO A 524 -12.67 -13.62 -10.77
CA PRO A 524 -12.13 -12.76 -11.83
C PRO A 524 -11.66 -13.53 -13.06
N PRO A 525 -11.00 -14.69 -12.91
CA PRO A 525 -10.59 -15.42 -14.13
C PRO A 525 -11.75 -15.74 -15.06
N ASN A 526 -12.91 -16.08 -14.50
CA ASN A 526 -14.06 -16.34 -15.35
C ASN A 526 -14.46 -15.09 -16.14
N ALA A 527 -14.43 -13.93 -15.50
CA ALA A 527 -14.77 -12.69 -16.19
C ALA A 527 -13.77 -12.40 -17.30
N LEU A 528 -12.47 -12.58 -17.03
CA LEU A 528 -11.47 -12.33 -18.05
C LEU A 528 -11.65 -13.26 -19.24
N VAL A 529 -11.88 -14.55 -18.98
CA VAL A 529 -12.03 -15.51 -20.07
C VAL A 529 -13.29 -15.21 -20.88
N ALA A 530 -14.39 -14.87 -20.19
CA ALA A 530 -15.61 -14.51 -20.91
C ALA A 530 -15.39 -13.27 -21.78
N GLY A 531 -14.63 -12.30 -21.27
CA GLY A 531 -14.36 -11.10 -22.05
C GLY A 531 -13.51 -11.39 -23.29
N TYR A 532 -12.49 -12.25 -23.14
CA TYR A 532 -11.59 -12.49 -24.26
C TYR A 532 -12.29 -13.16 -25.43
N ALA A 533 -13.12 -14.17 -25.16
CA ALA A 533 -13.67 -15.01 -26.22
C ALA A 533 -15.18 -14.88 -26.38
N ASN A 534 -15.80 -13.89 -25.75
CA ASN A 534 -17.24 -13.65 -25.88
C ASN A 534 -18.04 -14.88 -25.50
N ILE A 535 -17.66 -15.52 -24.38
CA ILE A 535 -18.38 -16.70 -23.92
C ILE A 535 -19.71 -16.28 -23.33
N ARG A 536 -20.78 -16.93 -23.77
CA ARG A 536 -22.10 -16.68 -23.21
C ARG A 536 -22.24 -17.39 -21.87
N THR A 537 -23.04 -16.80 -20.98
CA THR A 537 -23.16 -17.31 -19.62
C THR A 537 -23.77 -18.70 -19.60
N LYS A 538 -24.72 -18.97 -20.49
CA LYS A 538 -25.39 -20.26 -20.48
C LYS A 538 -24.42 -21.41 -20.71
N ASP A 539 -23.51 -21.25 -21.68
CA ASP A 539 -22.57 -22.32 -21.98
C ASP A 539 -21.65 -22.59 -20.81
N MET A 540 -21.13 -21.54 -20.17
CA MET A 540 -20.25 -21.73 -19.03
C MET A 540 -20.98 -22.35 -17.86
N ALA A 541 -22.23 -21.96 -17.64
CA ALA A 541 -23.01 -22.55 -16.56
C ALA A 541 -23.24 -24.04 -16.81
N ILE A 542 -23.52 -24.42 -18.05
CA ILE A 542 -23.68 -25.83 -18.36
C ILE A 542 -22.37 -26.58 -18.18
N ALA A 543 -21.25 -25.99 -18.62
CA ALA A 543 -19.97 -26.69 -18.57
C ALA A 543 -19.46 -26.82 -17.15
N GLY A 544 -19.86 -25.92 -16.25
CA GLY A 544 -19.32 -25.95 -14.90
C GLY A 544 -19.81 -27.09 -14.03
N ILE A 545 -20.74 -27.91 -14.52
CA ILE A 545 -21.29 -28.98 -13.70
C ILE A 545 -20.21 -29.99 -13.32
N GLY A 546 -19.37 -30.36 -14.27
CA GLY A 546 -18.38 -31.40 -14.05
C GLY A 546 -17.39 -31.11 -12.93
N PRO A 547 -16.68 -29.98 -13.03
CA PRO A 547 -15.69 -29.67 -11.98
C PRO A 547 -16.29 -29.56 -10.59
N THR A 548 -17.52 -29.08 -10.47
CA THR A 548 -18.14 -28.97 -9.15
C THR A 548 -18.28 -30.34 -8.50
N ILE A 549 -18.89 -31.29 -9.23
CA ILE A 549 -19.09 -32.63 -8.69
C ILE A 549 -17.74 -33.28 -8.41
N ILE A 550 -16.80 -33.14 -9.34
CA ILE A 550 -15.50 -33.79 -9.18
C ILE A 550 -14.81 -33.28 -7.92
N THR A 551 -14.78 -31.95 -7.74
CA THR A 551 -14.12 -31.39 -6.57
C THR A 551 -14.82 -31.80 -5.29
N ILE A 552 -16.16 -31.81 -5.27
CA ILE A 552 -16.87 -32.17 -4.06
C ILE A 552 -16.53 -33.61 -3.66
N ILE A 553 -16.63 -34.54 -4.61
CA ILE A 553 -16.38 -35.94 -4.30
C ILE A 553 -14.93 -36.14 -3.87
N THR A 554 -13.99 -35.53 -4.60
CA THR A 554 -12.58 -35.71 -4.27
C THR A 554 -12.26 -35.17 -2.89
N LEU A 555 -12.76 -33.97 -2.58
CA LEU A 555 -12.50 -33.40 -1.26
C LEU A 555 -13.08 -34.27 -0.16
N PHE A 556 -14.32 -34.74 -0.35
CA PHE A 556 -14.94 -35.60 0.65
C PHE A 556 -14.09 -36.84 0.92
N VAL A 557 -13.75 -37.57 -0.15
CA VAL A 557 -13.05 -38.84 0.02
C VAL A 557 -11.67 -38.61 0.61
N PHE A 558 -10.93 -37.63 0.07
CA PHE A 558 -9.56 -37.44 0.52
C PHE A 558 -9.49 -36.92 1.94
N CYS A 559 -10.40 -36.01 2.31
CA CYS A 559 -10.41 -35.53 3.69
C CYS A 559 -10.80 -36.63 4.65
N GLN A 560 -11.68 -37.55 4.23
CA GLN A 560 -12.01 -38.67 5.11
C GLN A 560 -10.83 -39.62 5.27
N THR A 561 -10.07 -39.86 4.20
CA THR A 561 -9.07 -40.93 4.22
C THR A 561 -7.67 -40.46 4.56
N TRP A 562 -7.11 -39.55 3.76
CA TRP A 562 -5.69 -39.25 3.84
C TRP A 562 -5.36 -38.15 4.85
N GLY A 563 -6.34 -37.34 5.23
CA GLY A 563 -6.12 -36.39 6.30
C GLY A 563 -5.73 -37.06 7.60
N LEU A 564 -6.29 -38.23 7.87
CA LEU A 564 -5.86 -39.00 9.04
C LEU A 564 -4.40 -39.41 8.91
N VAL A 565 -3.95 -39.73 7.69
CA VAL A 565 -2.56 -40.06 7.48
C VAL A 565 -1.67 -38.87 7.81
N VAL A 566 -2.06 -37.67 7.36
CA VAL A 566 -1.22 -36.50 7.65
C VAL A 566 -1.47 -35.98 9.06
N TYR A 567 -2.72 -36.00 9.51
CA TYR A 567 -3.07 -35.60 10.88
C TYR A 567 -3.70 -36.77 11.62
N PRO A 568 -2.96 -37.45 12.49
CA PRO A 568 -3.51 -38.67 13.10
C PRO A 568 -4.67 -38.43 14.06
N ASN A 569 -4.84 -37.23 14.59
CA ASN A 569 -5.76 -37.00 15.70
C ASN A 569 -7.06 -36.32 15.27
N LEU A 570 -7.39 -36.36 13.97
CA LEU A 570 -8.59 -35.66 13.51
C LEU A 570 -9.87 -36.30 14.06
N ASN A 571 -9.91 -37.63 14.14
CA ASN A 571 -11.14 -38.30 14.57
C ASN A 571 -11.50 -37.96 16.00
N SER A 572 -10.51 -37.96 16.90
CA SER A 572 -10.78 -37.78 18.32
C SER A 572 -10.91 -36.30 18.67
N PHE A 573 -11.28 -36.05 19.92
CA PHE A 573 -11.40 -34.69 20.45
C PHE A 573 -10.18 -34.41 21.31
N PRO A 574 -9.28 -33.52 20.90
CA PRO A 574 -8.03 -33.35 21.64
C PRO A 574 -8.23 -32.65 22.98
N GLU A 575 -7.20 -32.73 23.81
CA GLU A 575 -7.27 -32.18 25.17
C GLU A 575 -7.40 -30.66 25.14
N TRP A 576 -6.62 -29.99 24.30
CA TRP A 576 -6.65 -28.53 24.28
C TRP A 576 -8.00 -28.00 23.80
N ALA A 577 -8.66 -28.73 22.90
CA ALA A 577 -10.02 -28.36 22.53
C ALA A 577 -10.96 -28.45 23.73
N GLN A 578 -10.80 -29.49 24.55
CA GLN A 578 -11.61 -29.60 25.76
C GLN A 578 -11.36 -28.42 26.68
N ILE A 579 -10.10 -28.02 26.84
CA ILE A 579 -9.79 -26.88 27.71
C ILE A 579 -10.44 -25.62 27.16
N TYR A 580 -10.33 -25.38 25.86
CA TYR A 580 -10.92 -24.19 25.27
C TYR A 580 -12.43 -24.18 25.44
N ALA A 581 -13.08 -25.32 25.20
CA ALA A 581 -14.53 -25.38 25.34
C ALA A 581 -14.97 -25.18 26.78
N ALA A 582 -14.24 -25.78 27.73
CA ALA A 582 -14.58 -25.59 29.14
C ALA A 582 -14.42 -24.14 29.55
N ALA A 583 -13.35 -23.49 29.10
CA ALA A 583 -13.16 -22.07 29.40
C ALA A 583 -14.28 -21.24 28.79
N ALA A 584 -14.73 -21.58 27.59
CA ALA A 584 -15.82 -20.87 26.94
C ALA A 584 -17.13 -21.10 27.69
N LYS B 32 39.26 7.00 -18.43
CA LYS B 32 39.02 5.57 -18.37
C LYS B 32 38.57 5.15 -16.98
N CYS B 33 39.52 4.77 -16.13
CA CYS B 33 39.19 4.32 -14.78
C CYS B 33 38.54 5.42 -13.97
N SER B 34 38.76 6.69 -14.35
CA SER B 34 38.17 7.80 -13.61
C SER B 34 36.64 7.75 -13.67
N ASN B 35 36.09 7.49 -14.86
CA ASN B 35 34.63 7.48 -14.99
C ASN B 35 34.00 6.23 -14.39
N PHE B 36 34.79 5.20 -14.09
CA PHE B 36 34.23 4.00 -13.48
C PHE B 36 33.63 4.31 -12.13
N PHE B 37 34.30 5.13 -11.32
CA PHE B 37 33.73 5.55 -10.06
C PHE B 37 32.47 6.37 -10.27
N ALA B 38 32.46 7.21 -11.30
CA ALA B 38 31.29 8.04 -11.57
C ALA B 38 30.08 7.17 -11.92
N ASN B 39 30.29 6.11 -12.68
CA ASN B 39 29.16 5.29 -13.13
C ASN B 39 28.67 4.34 -12.03
N HIS B 40 29.58 3.69 -11.31
CA HIS B 40 29.22 2.55 -10.48
C HIS B 40 29.58 2.75 -9.00
N TRP B 41 29.46 3.97 -8.48
CA TRP B 41 29.81 4.17 -7.08
C TRP B 41 28.76 3.59 -6.14
N LYS B 42 27.50 3.57 -6.54
CA LYS B 42 26.45 3.06 -5.66
C LYS B 42 26.67 1.59 -5.35
N GLY B 43 27.00 0.79 -6.36
CA GLY B 43 27.29 -0.61 -6.11
C GLY B 43 28.49 -0.80 -5.21
N LEU B 44 29.51 0.04 -5.38
CA LEU B 44 30.68 -0.03 -4.50
C LEU B 44 30.28 0.23 -3.05
N VAL B 45 29.43 1.23 -2.82
CA VAL B 45 28.99 1.50 -1.46
C VAL B 45 28.24 0.31 -0.90
N VAL B 46 27.30 -0.23 -1.68
CA VAL B 46 26.49 -1.35 -1.20
C VAL B 46 27.37 -2.54 -0.86
N PHE B 47 28.40 -2.80 -1.68
CA PHE B 47 29.26 -3.94 -1.44
C PHE B 47 30.19 -3.73 -0.26
N LEU B 48 30.71 -2.51 -0.08
CA LEU B 48 31.80 -2.31 0.86
C LEU B 48 31.32 -1.96 2.26
N VAL B 49 30.29 -1.13 2.39
CA VAL B 49 29.93 -0.61 3.71
C VAL B 49 29.61 -1.71 4.72
N PRO B 50 28.79 -2.71 4.41
CA PRO B 50 28.56 -3.78 5.39
C PRO B 50 29.82 -4.52 5.80
N LEU B 51 30.77 -4.68 4.88
CA LEU B 51 32.03 -5.33 5.24
C LEU B 51 32.87 -4.43 6.14
N LEU B 52 32.88 -3.12 5.87
CA LEU B 52 33.73 -2.23 6.66
C LEU B 52 33.19 -2.05 8.07
N CYS B 53 31.88 -2.02 8.24
CA CYS B 53 31.32 -1.79 9.57
C CYS B 53 31.30 -3.04 10.44
N LEU B 54 31.74 -4.17 9.91
CA LEU B 54 31.62 -5.45 10.63
C LEU B 54 32.47 -5.53 11.90
N PRO B 55 33.69 -4.99 11.97
CA PRO B 55 34.45 -5.06 13.22
C PRO B 55 33.73 -4.47 14.42
N VAL B 56 32.81 -3.54 14.21
CA VAL B 56 32.01 -3.02 15.32
C VAL B 56 31.26 -4.17 16.00
N MET B 57 30.67 -5.04 15.19
CA MET B 57 29.97 -6.20 15.77
C MET B 57 30.95 -7.20 16.37
N LEU B 58 32.02 -7.53 15.63
CA LEU B 58 32.90 -8.61 16.12
C LEU B 58 33.64 -8.24 17.40
N LEU B 59 34.10 -6.99 17.52
CA LEU B 59 34.97 -6.65 18.64
C LEU B 59 34.22 -6.68 19.97
N ASN B 60 32.99 -6.19 20.00
CA ASN B 60 32.22 -6.08 21.24
C ASN B 60 31.09 -7.09 21.24
N GLU B 61 30.87 -7.73 22.39
CA GLU B 61 29.93 -8.84 22.48
C GLU B 61 28.50 -8.43 22.76
N GLY B 62 28.24 -7.17 23.11
CA GLY B 62 26.90 -6.77 23.48
C GLY B 62 25.95 -6.74 22.28
N ALA B 63 24.67 -6.92 22.57
CA ALA B 63 23.65 -6.82 21.53
C ALA B 63 23.43 -5.37 21.11
N GLU B 64 23.65 -4.43 22.02
CA GLU B 64 23.57 -3.02 21.65
C GLU B 64 24.58 -2.67 20.56
N PHE B 65 25.72 -3.37 20.52
CA PHE B 65 26.68 -3.13 19.45
C PHE B 65 26.17 -3.64 18.11
N ARG B 66 25.45 -4.76 18.11
CA ARG B 66 24.81 -5.22 16.89
C ARG B 66 23.78 -4.20 16.42
N CYS B 67 23.00 -3.66 17.35
CA CYS B 67 22.04 -2.62 16.99
C CYS B 67 22.75 -1.40 16.42
N MET B 68 23.92 -1.04 16.98
CA MET B 68 24.66 0.10 16.48
C MET B 68 25.18 -0.16 15.07
N TYR B 69 25.65 -1.37 14.80
CA TYR B 69 26.08 -1.73 13.45
C TYR B 69 24.93 -1.56 12.47
N LEU B 70 23.76 -2.08 12.85
CA LEU B 70 22.58 -1.93 12.00
C LEU B 70 22.24 -0.46 11.76
N LEU B 71 22.33 0.34 12.81
CA LEU B 71 22.03 1.77 12.69
C LEU B 71 23.00 2.45 11.73
N LEU B 72 24.28 2.14 11.84
CA LEU B 72 25.26 2.73 10.92
C LEU B 72 24.96 2.36 9.48
N VAL B 73 24.66 1.08 9.23
CA VAL B 73 24.41 0.64 7.87
C VAL B 73 23.19 1.36 7.29
N MET B 74 22.09 1.39 8.05
CA MET B 74 20.89 2.03 7.52
C MET B 74 21.09 3.53 7.35
N ALA B 75 21.81 4.18 8.27
CA ALA B 75 22.03 5.61 8.13
C ALA B 75 22.83 5.92 6.89
N ILE B 76 23.88 5.15 6.62
CA ILE B 76 24.67 5.39 5.42
C ILE B 76 23.84 5.13 4.17
N PHE B 77 22.99 4.11 4.20
CA PHE B 77 22.17 3.82 3.02
C PHE B 77 21.16 4.92 2.76
N TRP B 78 20.52 5.46 3.81
CA TRP B 78 19.61 6.59 3.64
C TRP B 78 20.32 7.84 3.14
N VAL B 79 21.44 8.22 3.75
CA VAL B 79 22.10 9.45 3.34
C VAL B 79 22.60 9.34 1.91
N THR B 80 23.25 8.23 1.57
CA THR B 80 23.82 8.07 0.25
C THR B 80 22.75 7.80 -0.81
N GLU B 81 21.65 7.14 -0.42
CA GLU B 81 20.61 6.69 -1.36
C GLU B 81 21.17 5.68 -2.36
N ALA B 82 21.99 4.74 -1.88
CA ALA B 82 22.45 3.66 -2.71
C ALA B 82 21.30 2.76 -3.13
N LEU B 83 20.38 2.49 -2.21
CA LEU B 83 19.14 1.78 -2.47
C LEU B 83 17.96 2.73 -2.39
N PRO B 84 16.83 2.39 -2.99
CA PRO B 84 15.63 3.20 -2.78
C PRO B 84 15.26 3.23 -1.31
N LEU B 85 14.73 4.38 -0.88
CA LEU B 85 14.45 4.56 0.55
C LEU B 85 13.46 3.52 1.06
N TYR B 86 12.43 3.23 0.27
CA TYR B 86 11.43 2.26 0.69
C TYR B 86 12.05 0.87 0.88
N VAL B 87 12.95 0.48 -0.02
CA VAL B 87 13.61 -0.82 0.12
C VAL B 87 14.49 -0.84 1.37
N THR B 88 15.23 0.24 1.60
CA THR B 88 16.12 0.27 2.76
C THR B 88 15.34 0.17 4.06
N SER B 89 14.17 0.82 4.12
CA SER B 89 13.38 0.78 5.34
C SER B 89 12.90 -0.62 5.67
N MET B 90 12.93 -1.55 4.71
CA MET B 90 12.46 -2.90 4.94
C MET B 90 13.48 -3.79 5.64
N ILE B 91 14.71 -3.30 5.84
CA ILE B 91 15.76 -4.13 6.43
C ILE B 91 15.41 -4.60 7.84
N PRO B 92 14.88 -3.77 8.74
CA PRO B 92 14.67 -4.24 10.12
C PRO B 92 13.85 -5.51 10.23
N ILE B 93 12.86 -5.71 9.36
CA ILE B 93 12.04 -6.92 9.42
C ILE B 93 12.91 -8.16 9.32
N VAL B 94 13.88 -8.16 8.40
CA VAL B 94 14.80 -9.28 8.29
C VAL B 94 15.79 -9.28 9.44
N ALA B 95 16.32 -8.10 9.80
CA ALA B 95 17.51 -8.03 10.63
C ALA B 95 17.20 -8.32 12.09
N PHE B 96 16.15 -7.73 12.64
CA PHE B 96 15.93 -7.82 14.09
C PHE B 96 15.71 -9.23 14.58
N PRO B 97 14.82 -10.05 14.02
CA PRO B 97 14.65 -11.41 14.55
C PRO B 97 15.91 -12.26 14.48
N ILE B 98 16.77 -12.05 13.49
CA ILE B 98 18.02 -12.80 13.42
C ILE B 98 18.86 -12.53 14.66
N MET B 99 18.98 -11.27 15.03
CA MET B 99 19.64 -10.91 16.28
C MET B 99 18.67 -11.14 17.43
N GLY B 100 19.09 -10.78 18.64
CA GLY B 100 18.24 -10.96 19.79
C GLY B 100 17.35 -9.79 20.11
N ILE B 101 17.16 -8.86 19.18
CA ILE B 101 16.45 -7.63 19.49
C ILE B 101 14.98 -7.89 19.73
N MET B 102 14.27 -8.39 18.72
CA MET B 102 12.82 -8.43 18.76
C MET B 102 12.32 -9.65 17.99
N SER B 103 11.10 -10.05 18.28
CA SER B 103 10.48 -11.14 17.54
C SER B 103 9.89 -10.62 16.24
N SER B 104 9.56 -11.55 15.35
CA SER B 104 9.03 -11.17 14.04
C SER B 104 7.67 -10.49 14.18
N ASP B 105 6.82 -10.98 15.06
CA ASP B 105 5.47 -10.45 15.16
C ASP B 105 5.49 -8.99 15.62
N GLN B 106 6.29 -8.69 16.65
CA GLN B 106 6.31 -7.32 17.17
C GLN B 106 6.86 -6.34 16.15
N THR B 107 7.89 -6.75 15.41
CA THR B 107 8.49 -5.86 14.42
C THR B 107 7.48 -5.46 13.35
N CYS B 108 6.67 -6.41 12.90
CA CYS B 108 5.62 -6.07 11.94
C CYS B 108 4.52 -5.23 12.59
N ARG B 109 4.27 -5.44 13.88
CA ARG B 109 3.29 -4.60 14.58
C ARG B 109 3.75 -3.15 14.62
N LEU B 110 5.06 -2.91 14.72
CA LEU B 110 5.56 -1.54 14.77
C LEU B 110 5.20 -0.78 13.51
N TYR B 111 5.30 -1.40 12.35
CA TYR B 111 4.79 -0.80 11.14
C TYR B 111 3.27 -0.65 11.24
N PHE B 112 2.75 0.32 10.50
CA PHE B 112 1.31 0.50 10.36
C PHE B 112 0.65 0.77 11.72
N LYS B 113 1.10 1.83 12.37
CA LYS B 113 0.52 2.27 13.62
C LYS B 113 -0.78 3.03 13.36
N ASP B 114 -1.37 3.56 14.43
CA ASP B 114 -2.55 4.40 14.30
C ASP B 114 -2.24 5.67 13.52
N THR B 115 -1.13 6.32 13.88
CA THR B 115 -0.82 7.62 13.31
C THR B 115 -0.56 7.51 11.81
N LEU B 116 0.07 6.42 11.39
CA LEU B 116 0.29 6.20 9.96
C LEU B 116 -1.04 6.05 9.23
N VAL B 117 -2.01 5.37 9.84
CA VAL B 117 -3.33 5.25 9.22
C VAL B 117 -3.96 6.63 9.07
N MET B 118 -3.83 7.47 10.10
CA MET B 118 -4.36 8.83 10.00
C MET B 118 -3.71 9.57 8.83
N PHE B 119 -2.39 9.45 8.69
CA PHE B 119 -1.70 10.15 7.60
C PHE B 119 -2.16 9.66 6.24
N MET B 120 -2.30 8.34 6.08
CA MET B 120 -2.72 7.81 4.78
C MET B 120 -4.14 8.23 4.45
N GLY B 121 -5.02 8.23 5.44
CA GLY B 121 -6.36 8.75 5.21
C GLY B 121 -6.35 10.21 4.80
N GLY B 122 -5.46 10.99 5.42
CA GLY B 122 -5.34 12.39 5.04
C GLY B 122 -4.91 12.53 3.59
N ILE B 123 -3.97 11.70 3.14
CA ILE B 123 -3.57 11.72 1.75
C ILE B 123 -4.75 11.38 0.84
N MET B 124 -5.56 10.40 1.26
CA MET B 124 -6.72 10.03 0.45
C MET B 124 -7.71 11.19 0.34
N VAL B 125 -7.95 11.90 1.44
CA VAL B 125 -8.86 13.04 1.41
C VAL B 125 -8.30 14.15 0.53
N ALA B 126 -6.98 14.36 0.58
CA ALA B 126 -6.36 15.35 -0.30
C ALA B 126 -6.55 14.95 -1.77
N LEU B 127 -6.45 13.66 -2.07
CA LEU B 127 -6.71 13.21 -3.44
C LEU B 127 -8.15 13.47 -3.83
N ALA B 128 -9.08 13.27 -2.90
CA ALA B 128 -10.48 13.57 -3.19
C ALA B 128 -10.67 15.06 -3.48
N VAL B 129 -9.95 15.92 -2.76
CA VAL B 129 -10.02 17.35 -3.02
C VAL B 129 -9.46 17.67 -4.39
N GLU B 130 -8.35 17.03 -4.76
CA GLU B 130 -7.77 17.25 -6.09
C GLU B 130 -8.75 16.84 -7.19
N TYR B 131 -9.42 15.71 -6.99
CA TYR B 131 -10.54 15.35 -7.85
C TYR B 131 -11.58 16.46 -7.78
N CYS B 132 -12.26 16.68 -8.90
CA CYS B 132 -13.34 17.67 -9.15
C CYS B 132 -12.82 19.10 -9.11
N ASN B 133 -11.52 19.33 -8.92
CA ASN B 133 -10.90 20.63 -9.15
C ASN B 133 -11.46 21.72 -8.23
N LEU B 134 -11.30 21.52 -6.92
CA LEU B 134 -11.62 22.59 -5.97
C LEU B 134 -10.44 23.53 -5.80
N HIS B 135 -9.23 23.00 -5.83
CA HIS B 135 -8.04 23.81 -5.61
C HIS B 135 -7.88 24.89 -6.66
N LYS B 136 -8.16 24.56 -7.92
CA LYS B 136 -8.05 25.57 -8.97
C LYS B 136 -9.00 26.72 -8.71
N ARG B 137 -10.24 26.42 -8.33
CA ARG B 137 -11.20 27.46 -8.03
C ARG B 137 -10.72 28.34 -6.88
N LEU B 138 -10.23 27.71 -5.82
CA LEU B 138 -9.75 28.48 -4.68
C LEU B 138 -8.59 29.40 -5.06
N ALA B 139 -7.60 28.85 -5.76
CA ALA B 139 -6.42 29.64 -6.11
C ALA B 139 -6.79 30.80 -7.03
N LEU B 140 -7.62 30.53 -8.04
CA LEU B 140 -7.99 31.59 -8.97
C LEU B 140 -8.81 32.67 -8.27
N ARG B 141 -9.70 32.27 -7.36
CA ARG B 141 -10.49 33.26 -6.64
C ARG B 141 -9.60 34.16 -5.79
N VAL B 142 -8.63 33.56 -5.08
CA VAL B 142 -7.76 34.39 -4.24
C VAL B 142 -6.90 35.30 -5.10
N ILE B 143 -6.39 34.81 -6.23
CA ILE B 143 -5.58 35.65 -7.09
C ILE B 143 -6.41 36.80 -7.64
N GLN B 144 -7.68 36.55 -7.96
CA GLN B 144 -8.55 37.64 -8.38
C GLN B 144 -8.73 38.66 -7.26
N ILE B 145 -8.88 38.19 -6.02
CA ILE B 145 -9.04 39.11 -4.89
C ILE B 145 -7.81 40.00 -4.75
N VAL B 146 -6.62 39.40 -4.84
CA VAL B 146 -5.40 40.18 -4.75
C VAL B 146 -5.22 41.00 -6.04
N GLY B 147 -4.44 42.07 -5.94
CA GLY B 147 -4.36 43.06 -6.99
C GLY B 147 -3.70 42.59 -8.27
N CYS B 148 -3.40 43.57 -9.13
CA CYS B 148 -2.99 43.30 -10.50
C CYS B 148 -1.49 43.44 -10.74
N SER B 149 -0.81 44.30 -9.99
CA SER B 149 0.61 44.51 -10.23
C SER B 149 1.39 43.22 -10.02
N PRO B 150 2.51 43.04 -10.73
CA PRO B 150 3.26 41.78 -10.58
C PRO B 150 3.68 41.48 -9.15
N ARG B 151 3.97 42.51 -8.35
CA ARG B 151 4.28 42.29 -6.95
C ARG B 151 3.08 41.68 -6.23
N ARG B 152 1.89 42.22 -6.46
CA ARG B 152 0.70 41.68 -5.83
C ARG B 152 0.41 40.27 -6.29
N LEU B 153 0.59 40.01 -7.59
CA LEU B 153 0.39 38.65 -8.09
C LEU B 153 1.35 37.68 -7.42
N HIS B 154 2.60 38.07 -7.28
CA HIS B 154 3.59 37.23 -6.61
C HIS B 154 3.20 36.95 -5.17
N PHE B 155 2.78 38.00 -4.45
CA PHE B 155 2.40 37.84 -3.05
C PHE B 155 1.21 36.90 -2.91
N GLY B 156 0.18 37.09 -3.74
CA GLY B 156 -0.98 36.23 -3.66
C GLY B 156 -0.65 34.80 -4.01
N LEU B 157 0.20 34.60 -5.02
CA LEU B 157 0.59 33.25 -5.40
C LEU B 157 1.31 32.55 -4.26
N ILE B 158 2.22 33.27 -3.59
CA ILE B 158 2.93 32.66 -2.46
C ILE B 158 1.96 32.31 -1.34
N MET B 159 1.04 33.22 -1.01
CA MET B 159 0.10 32.93 0.07
C MET B 159 -0.76 31.71 -0.24
N VAL B 160 -1.26 31.62 -1.47
CA VAL B 160 -2.10 30.48 -1.85
C VAL B 160 -1.29 29.19 -1.80
N THR B 161 -0.06 29.22 -2.29
CA THR B 161 0.78 28.02 -2.25
C THR B 161 1.02 27.57 -0.83
N MET B 162 1.29 28.52 0.08
CA MET B 162 1.49 28.17 1.48
C MET B 162 0.25 27.53 2.07
N PHE B 163 -0.92 28.14 1.85
CA PHE B 163 -2.14 27.61 2.43
C PHE B 163 -2.44 26.21 1.87
N LEU B 164 -2.25 26.00 0.57
CA LEU B 164 -2.49 24.69 0.01
C LEU B 164 -1.52 23.66 0.54
N SER B 165 -0.23 24.02 0.65
CA SER B 165 0.76 23.08 1.16
C SER B 165 0.54 22.76 2.62
N MET B 166 -0.21 23.60 3.33
CA MET B 166 -0.53 23.29 4.72
C MET B 166 -1.22 21.95 4.88
N TRP B 167 -2.01 21.53 3.89
CA TRP B 167 -2.79 20.30 3.99
C TRP B 167 -2.39 19.21 3.00
N ILE B 168 -1.56 19.52 2.01
CA ILE B 168 -1.22 18.58 0.94
C ILE B 168 0.30 18.48 0.84
N SER B 169 0.75 17.42 0.17
CA SER B 169 2.17 17.19 -0.02
C SER B 169 2.80 18.31 -0.84
N ASN B 170 4.09 18.57 -0.58
CA ASN B 170 4.76 19.73 -1.17
C ASN B 170 4.91 19.58 -2.67
N ALA B 171 5.45 18.44 -3.12
CA ALA B 171 5.66 18.23 -4.56
C ALA B 171 4.34 18.26 -5.30
N ALA B 172 3.31 17.65 -4.72
CA ALA B 172 1.99 17.72 -5.31
C ALA B 172 1.56 19.16 -5.52
N CYS B 173 1.67 19.99 -4.48
CA CYS B 173 1.23 21.38 -4.59
C CYS B 173 2.02 22.14 -5.64
N THR B 174 3.33 21.88 -5.74
CA THR B 174 4.13 22.55 -6.75
C THR B 174 3.64 22.20 -8.16
N ALA B 175 3.39 20.91 -8.40
CA ALA B 175 2.88 20.50 -9.71
C ALA B 175 1.51 21.11 -9.97
N MET B 176 0.69 21.19 -8.93
CA MET B 176 -0.66 21.77 -9.04
C MET B 176 -0.60 23.24 -9.41
N MET B 177 0.41 23.95 -8.91
CA MET B 177 0.39 25.42 -9.01
C MET B 177 1.18 25.94 -10.20
N CYS B 178 2.20 25.23 -10.67
CA CYS B 178 3.04 25.75 -11.74
C CYS B 178 2.30 26.14 -13.03
N PRO B 179 1.34 25.36 -13.56
CA PRO B 179 0.77 25.71 -14.87
C PRO B 179 0.16 27.10 -14.95
N ILE B 180 -0.39 27.62 -13.85
CA ILE B 180 -1.02 28.93 -13.91
C ILE B 180 0.01 30.01 -14.23
N ILE B 181 1.13 30.00 -13.49
CA ILE B 181 2.16 31.00 -13.75
C ILE B 181 2.77 30.77 -15.11
N GLN B 182 2.90 29.51 -15.55
CA GLN B 182 3.40 29.26 -16.90
C GLN B 182 2.51 29.90 -17.95
N ALA B 183 1.19 29.74 -17.80
CA ALA B 183 0.26 30.30 -18.77
C ALA B 183 0.30 31.81 -18.80
N VAL B 184 0.34 32.44 -17.62
CA VAL B 184 0.33 33.90 -17.61
C VAL B 184 1.63 34.44 -18.17
N LEU B 185 2.76 33.78 -17.90
CA LEU B 185 4.03 34.22 -18.47
C LEU B 185 4.03 34.07 -19.98
N GLU B 186 3.49 32.96 -20.50
CA GLU B 186 3.43 32.79 -21.95
C GLU B 186 2.57 33.86 -22.60
N GLU B 187 1.43 34.18 -21.97
CA GLU B 187 0.59 35.23 -22.52
C GLU B 187 1.30 36.58 -22.52
N LEU B 188 2.02 36.89 -21.43
CA LEU B 188 2.75 38.15 -21.38
C LEU B 188 3.83 38.20 -22.45
N GLN B 189 4.53 37.09 -22.67
CA GLN B 189 5.54 37.06 -23.72
C GLN B 189 4.90 37.24 -25.09
N ALA B 190 3.73 36.64 -25.30
CA ALA B 190 3.02 36.82 -26.57
C ALA B 190 2.68 38.29 -26.78
N GLN B 191 2.21 38.97 -25.73
CA GLN B 191 1.97 40.40 -25.85
C GLN B 191 3.27 41.18 -26.01
N GLY B 192 4.37 40.67 -25.45
CA GLY B 192 5.68 41.27 -25.65
C GLY B 192 6.15 42.22 -24.57
N VAL B 193 5.44 42.30 -23.44
CA VAL B 193 5.85 43.22 -22.39
C VAL B 193 7.13 42.73 -21.72
N CYS B 194 7.28 41.42 -21.53
CA CYS B 194 8.46 40.86 -20.89
C CYS B 194 8.85 39.57 -21.60
N LYS B 195 10.09 39.16 -21.39
CA LYS B 195 10.66 37.98 -22.03
C LYS B 195 10.90 36.89 -20.99
N ILE B 196 10.46 35.67 -21.29
CA ILE B 196 10.65 34.56 -20.37
C ILE B 196 12.13 34.21 -20.26
N ASN B 197 12.84 34.16 -21.38
CA ASN B 197 14.22 33.70 -21.40
C ASN B 197 15.12 34.73 -22.06
N HIS B 198 16.39 34.70 -21.69
CA HIS B 198 17.38 35.58 -22.31
C HIS B 198 17.56 35.21 -23.78
N GLU B 199 17.73 36.22 -24.62
CA GLU B 199 18.03 35.97 -26.02
C GLU B 199 19.44 35.41 -26.15
N PRO B 200 19.65 34.41 -27.02
CA PRO B 200 20.96 33.79 -27.22
C PRO B 200 21.99 34.76 -27.79
N GLU B 215 22.22 23.37 -25.21
CA GLU B 215 22.22 24.37 -24.14
C GLU B 215 20.83 24.99 -23.97
N PRO B 216 20.15 24.62 -22.89
CA PRO B 216 18.84 25.20 -22.64
C PRO B 216 18.94 26.69 -22.40
N PRO B 217 17.91 27.45 -22.76
CA PRO B 217 17.97 28.91 -22.58
C PRO B 217 18.01 29.29 -21.11
N TYR B 218 18.67 30.41 -20.83
CA TYR B 218 18.75 30.92 -19.47
C TYR B 218 17.48 31.67 -19.11
N PRO B 219 16.78 31.30 -18.05
CA PRO B 219 15.61 32.06 -17.63
C PRO B 219 15.99 33.42 -17.09
N THR B 220 15.10 34.38 -17.28
CA THR B 220 15.33 35.73 -16.78
C THR B 220 15.03 35.79 -15.28
N LYS B 221 15.23 36.96 -14.69
CA LYS B 221 15.07 37.09 -13.24
C LYS B 221 13.63 36.90 -12.82
N ILE B 222 12.67 37.36 -13.63
CA ILE B 222 11.26 37.27 -13.25
C ILE B 222 10.83 35.82 -13.12
N THR B 223 11.21 35.00 -14.10
CA THR B 223 10.84 33.59 -14.07
C THR B 223 11.46 32.89 -12.86
N LEU B 224 12.74 33.17 -12.60
CA LEU B 224 13.39 32.61 -11.42
C LEU B 224 12.63 33.00 -10.17
N CYS B 225 12.25 34.28 -10.05
CA CYS B 225 11.55 34.73 -8.86
C CYS B 225 10.25 33.97 -8.67
N TYR B 226 9.44 33.86 -9.73
CA TYR B 226 8.15 33.21 -9.57
C TYR B 226 8.30 31.74 -9.20
N TYR B 227 9.15 31.01 -9.92
CA TYR B 227 9.26 29.58 -9.68
C TYR B 227 9.88 29.30 -8.31
N LEU B 228 10.96 30.01 -7.97
CA LEU B 228 11.57 29.82 -6.67
C LEU B 228 10.62 30.19 -5.55
N GLY B 229 9.81 31.24 -5.75
CA GLY B 229 8.82 31.59 -4.76
C GLY B 229 7.81 30.49 -4.53
N ILE B 230 7.33 29.87 -5.62
CA ILE B 230 6.38 28.78 -5.46
C ILE B 230 7.00 27.63 -4.69
N ALA B 231 8.22 27.23 -5.06
CA ALA B 231 8.86 26.10 -4.39
C ALA B 231 9.09 26.39 -2.92
N TYR B 232 9.63 27.58 -2.61
CA TYR B 232 9.92 27.94 -1.24
C TYR B 232 8.64 28.05 -0.43
N ALA B 233 7.57 28.57 -1.02
CA ALA B 233 6.30 28.68 -0.31
C ALA B 233 5.77 27.30 0.05
N SER B 234 5.86 26.35 -0.87
CA SER B 234 5.42 24.99 -0.56
C SER B 234 6.24 24.42 0.59
N SER B 235 7.56 24.57 0.52
CA SER B 235 8.42 24.03 1.58
C SER B 235 8.09 24.67 2.93
N LEU B 236 7.88 25.98 2.96
CA LEU B 236 7.64 26.66 4.22
C LEU B 236 6.27 26.32 4.78
N GLY B 237 5.25 26.25 3.92
CA GLY B 237 3.92 25.93 4.39
C GLY B 237 3.76 24.49 4.81
N GLY B 238 4.65 23.60 4.37
CA GLY B 238 4.58 22.23 4.83
C GLY B 238 4.68 22.09 6.34
N CYS B 239 5.39 23.00 6.99
CA CYS B 239 5.67 22.87 8.42
C CYS B 239 4.49 23.26 9.31
N GLY B 240 3.41 23.80 8.73
CA GLY B 240 2.34 24.35 9.55
C GLY B 240 1.58 23.31 10.35
N THR B 241 1.32 22.15 9.76
CA THR B 241 0.39 21.18 10.32
C THR B 241 1.02 19.79 10.30
N ILE B 242 0.51 18.92 11.18
CA ILE B 242 1.04 17.56 11.29
C ILE B 242 0.91 16.83 9.96
N ILE B 243 -0.26 16.91 9.34
CA ILE B 243 -0.48 16.24 8.06
C ILE B 243 0.09 17.02 6.88
N GLY B 244 0.75 18.14 7.12
CA GLY B 244 1.33 18.89 6.03
C GLY B 244 2.46 18.17 5.35
N THR B 245 3.32 17.50 6.12
CA THR B 245 4.46 16.80 5.57
C THR B 245 4.81 15.61 6.46
N ALA B 246 5.64 14.73 5.94
CA ALA B 246 5.93 13.47 6.64
C ALA B 246 6.84 13.68 7.84
N THR B 247 7.75 14.66 7.77
CA THR B 247 8.73 14.84 8.84
C THR B 247 8.06 15.15 10.18
N ASN B 248 7.01 15.99 10.13
CA ASN B 248 6.27 16.29 11.34
C ASN B 248 5.72 15.02 11.96
N LEU B 249 5.13 14.17 11.12
CA LEU B 249 4.58 12.91 11.59
C LEU B 249 5.67 12.06 12.22
N THR B 250 6.84 12.00 11.57
CA THR B 250 7.92 11.17 12.06
C THR B 250 8.36 11.59 13.46
N PHE B 251 8.67 12.87 13.65
CA PHE B 251 9.23 13.20 14.96
C PHE B 251 8.14 13.22 16.02
N LYS B 252 6.90 13.56 15.68
CA LYS B 252 5.83 13.44 16.65
C LYS B 252 5.66 12.00 17.10
N GLY B 253 5.67 11.06 16.15
CA GLY B 253 5.52 9.66 16.51
C GLY B 253 6.67 9.15 17.37
N ILE B 254 7.90 9.54 17.03
CA ILE B 254 9.03 9.09 17.84
C ILE B 254 8.92 9.64 19.26
N TYR B 255 8.59 10.92 19.40
CA TYR B 255 8.47 11.49 20.74
C TYR B 255 7.37 10.82 21.54
N GLU B 256 6.23 10.57 20.90
CA GLU B 256 5.12 9.94 21.62
C GLU B 256 5.45 8.51 22.02
N ALA B 257 6.17 7.79 21.17
CA ALA B 257 6.53 6.40 21.49
C ALA B 257 7.54 6.35 22.63
N ARG B 258 8.52 7.26 22.62
CA ARG B 258 9.58 7.20 23.62
C ARG B 258 9.07 7.55 25.01
N PHE B 259 8.20 8.57 25.11
CA PHE B 259 7.73 9.08 26.40
C PHE B 259 6.21 8.99 26.44
N LYS B 260 5.70 7.88 26.99
CA LYS B 260 4.25 7.74 27.15
C LYS B 260 3.73 8.61 28.28
N ASN B 261 4.54 8.80 29.32
CA ASN B 261 4.08 9.44 30.55
C ASN B 261 4.19 10.96 30.50
N SER B 262 4.64 11.53 29.39
CA SER B 262 4.83 12.98 29.32
C SER B 262 3.51 13.72 29.45
N THR B 263 3.52 14.77 30.28
CA THR B 263 2.32 15.60 30.42
C THR B 263 2.10 16.46 29.19
N GLU B 264 3.15 17.09 28.68
CA GLU B 264 3.02 17.88 27.47
C GLU B 264 2.77 16.99 26.27
N GLN B 265 1.85 17.41 25.41
CA GLN B 265 1.41 16.59 24.30
C GLN B 265 1.43 17.40 23.01
N MET B 266 1.89 16.77 21.94
CA MET B 266 1.79 17.38 20.61
C MET B 266 0.55 16.88 19.89
N ASP B 267 -0.63 17.14 20.47
CA ASP B 267 -1.88 16.87 19.78
C ASP B 267 -2.10 17.87 18.64
N PHE B 268 -3.12 17.60 17.82
CA PHE B 268 -3.32 18.37 16.60
C PHE B 268 -3.53 19.85 16.85
N PRO B 269 -4.44 20.29 17.72
CA PRO B 269 -4.59 21.74 17.93
C PRO B 269 -3.36 22.41 18.55
N THR B 270 -2.74 21.78 19.54
CA THR B 270 -1.62 22.42 20.23
C THR B 270 -0.43 22.62 19.30
N PHE B 271 -0.13 21.64 18.46
CA PHE B 271 0.96 21.78 17.50
C PHE B 271 0.69 22.92 16.53
N MET B 272 -0.54 23.01 16.04
CA MET B 272 -0.90 24.09 15.12
C MET B 272 -0.76 25.44 15.79
N PHE B 273 -1.22 25.56 17.04
CA PHE B 273 -1.02 26.80 17.78
C PHE B 273 0.46 27.14 17.87
N TYR B 274 1.29 26.16 18.22
CA TYR B 274 2.72 26.40 18.36
C TYR B 274 3.37 26.82 17.06
N SER B 275 2.87 26.32 15.92
CA SER B 275 3.61 26.45 14.67
C SER B 275 3.15 27.61 13.79
N VAL B 276 1.86 27.96 13.77
CA VAL B 276 1.36 28.88 12.74
C VAL B 276 2.01 30.26 12.78
N PRO B 277 2.07 30.96 13.92
CA PRO B 277 2.58 32.35 13.86
C PRO B 277 3.98 32.48 13.32
N SER B 278 4.88 31.58 13.71
CA SER B 278 6.22 31.61 13.15
C SER B 278 6.18 31.40 11.65
N MET B 279 5.36 30.45 11.20
CA MET B 279 5.23 30.18 9.78
C MET B 279 4.84 31.44 9.03
N LEU B 280 3.85 32.17 9.54
CA LEU B 280 3.45 33.42 8.89
C LEU B 280 4.61 34.41 8.84
N VAL B 281 5.33 34.55 9.96
CA VAL B 281 6.38 35.57 10.03
C VAL B 281 7.47 35.29 9.00
N TYR B 282 8.01 34.07 9.00
CA TYR B 282 9.09 33.85 8.04
C TYR B 282 8.62 33.62 6.62
N THR B 283 7.36 33.28 6.38
CA THR B 283 6.87 33.31 5.01
C THR B 283 6.84 34.74 4.49
N LEU B 284 6.35 35.67 5.30
CA LEU B 284 6.33 37.07 4.88
C LEU B 284 7.74 37.60 4.65
N LEU B 285 8.66 37.25 5.54
CA LEU B 285 10.04 37.72 5.38
C LEU B 285 10.70 37.12 4.14
N THR B 286 10.40 35.85 3.83
CA THR B 286 10.91 35.25 2.61
C THR B 286 10.37 35.97 1.38
N PHE B 287 9.11 36.38 1.42
CA PHE B 287 8.53 37.15 0.29
C PHE B 287 9.35 38.43 0.06
N VAL B 288 9.61 39.19 1.11
CA VAL B 288 10.31 40.50 0.95
C VAL B 288 11.71 40.26 0.37
N PHE B 289 12.42 39.24 0.86
CA PHE B 289 13.82 39.03 0.40
C PHE B 289 13.84 38.75 -1.11
N LEU B 290 12.91 37.92 -1.57
CA LEU B 290 12.89 37.55 -3.02
C LEU B 290 12.62 38.82 -3.83
N GLN B 291 11.71 39.66 -3.36
CA GLN B 291 11.35 40.89 -4.12
C GLN B 291 12.57 41.81 -4.23
N TRP B 292 13.32 41.98 -3.15
CA TRP B 292 14.55 42.82 -3.21
C TRP B 292 15.60 42.17 -4.12
N HIS B 293 15.79 40.85 -4.01
CA HIS B 293 16.86 40.17 -4.79
C HIS B 293 16.61 40.21 -6.30
N PHE B 294 15.38 39.95 -6.75
CA PHE B 294 15.13 39.84 -8.21
C PHE B 294 14.39 41.07 -8.78
N MET B 295 13.52 41.72 -8.01
CA MET B 295 12.71 42.82 -8.58
C MET B 295 13.16 44.20 -8.10
N GLY B 296 14.31 44.29 -7.43
CA GLY B 296 14.83 45.61 -7.01
C GLY B 296 13.80 46.41 -6.23
N LEU B 297 13.19 45.81 -5.22
CA LEU B 297 12.09 46.49 -4.47
C LEU B 297 12.57 47.78 -3.83
N TRP B 298 13.73 47.79 -3.19
CA TRP B 298 14.16 49.01 -2.45
C TRP B 298 14.99 49.95 -3.33
N ARG B 299 15.39 49.50 -4.53
CA ARG B 299 16.28 50.36 -5.37
C ARG B 299 15.50 50.84 -6.59
N PRO B 300 15.09 52.13 -6.65
CA PRO B 300 14.40 52.68 -7.83
C PRO B 300 15.30 52.75 -9.08
N LYS B 301 16.56 53.12 -8.91
CA LYS B 301 17.50 53.29 -10.06
C LYS B 301 17.74 51.94 -10.76
N SER B 302 17.60 50.83 -10.04
CA SER B 302 17.94 49.49 -10.61
C SER B 302 17.11 49.21 -11.87
N LYS B 303 17.71 48.56 -12.86
CA LYS B 303 17.00 48.22 -14.13
C LYS B 303 15.82 47.29 -13.81
N GLU B 304 15.99 46.41 -12.82
CA GLU B 304 14.92 45.43 -12.47
C GLU B 304 13.67 46.21 -12.06
N ALA B 305 13.84 47.30 -11.30
CA ALA B 305 12.69 48.13 -10.87
C ALA B 305 12.01 48.74 -12.09
N GLN B 306 12.79 49.18 -13.08
CA GLN B 306 12.23 49.79 -14.31
C GLN B 306 11.39 48.76 -15.05
N GLU B 307 11.84 47.50 -15.09
CA GLU B 307 11.05 46.43 -15.74
C GLU B 307 9.73 46.24 -14.98
N VAL B 308 9.77 46.30 -13.65
CA VAL B 308 8.52 46.19 -12.83
C VAL B 308 7.61 47.36 -13.20
N GLN B 309 8.16 48.58 -13.28
CA GLN B 309 7.34 49.75 -13.62
C GLN B 309 6.63 49.56 -14.95
N ARG B 310 7.33 48.98 -15.93
CA ARG B 310 6.69 48.67 -17.21
C ARG B 310 5.56 47.67 -17.02
N GLY B 311 5.79 46.66 -16.18
CA GLY B 311 4.75 45.67 -15.93
C GLY B 311 3.53 46.26 -15.25
N ARG B 312 3.73 47.25 -14.38
CA ARG B 312 2.59 47.91 -13.75
C ARG B 312 1.87 48.82 -14.73
N GLU B 313 2.62 49.52 -15.59
CA GLU B 313 2.02 50.46 -16.52
C GLU B 313 1.10 49.75 -17.50
N GLY B 314 1.57 48.65 -18.09
CA GLY B 314 0.78 47.91 -19.04
C GLY B 314 0.75 46.42 -18.77
N ALA B 315 -0.17 45.72 -19.43
CA ALA B 315 -0.35 44.27 -19.44
C ALA B 315 -1.00 43.74 -18.16
N ASP B 316 -1.22 44.57 -17.14
CA ASP B 316 -2.00 44.11 -15.99
C ASP B 316 -3.40 43.73 -16.43
N VAL B 317 -4.00 44.51 -17.32
CA VAL B 317 -5.30 44.16 -17.87
C VAL B 317 -5.20 42.87 -18.67
N ALA B 318 -4.06 42.66 -19.35
CA ALA B 318 -3.89 41.44 -20.13
C ALA B 318 -3.88 40.21 -19.23
N LYS B 319 -3.12 40.25 -18.14
CA LYS B 319 -3.08 39.10 -17.26
C LYS B 319 -4.42 38.92 -16.56
N LYS B 320 -5.11 40.03 -16.28
CA LYS B 320 -6.44 39.93 -15.71
C LYS B 320 -7.38 39.21 -16.66
N VAL B 321 -7.30 39.53 -17.95
CA VAL B 321 -8.15 38.86 -18.94
C VAL B 321 -7.85 37.37 -18.97
N ILE B 322 -6.57 37.00 -19.02
CA ILE B 322 -6.24 35.57 -19.09
C ILE B 322 -6.66 34.86 -17.81
N ASP B 323 -6.54 35.55 -16.66
CA ASP B 323 -6.93 34.95 -15.40
C ASP B 323 -8.43 34.73 -15.34
N GLN B 324 -9.21 35.68 -15.86
CA GLN B 324 -10.65 35.47 -15.96
C GLN B 324 -10.99 34.29 -16.88
N ARG B 325 -10.26 34.17 -17.99
CA ARG B 325 -10.50 33.05 -18.89
C ARG B 325 -10.28 31.71 -18.18
N TYR B 326 -9.21 31.59 -17.41
CA TYR B 326 -9.05 30.37 -16.60
C TYR B 326 -10.10 30.28 -15.49
N LYS B 327 -10.59 31.42 -15.01
CA LYS B 327 -11.65 31.37 -13.99
C LYS B 327 -12.95 30.81 -14.54
N ASP B 328 -13.19 30.95 -15.84
CA ASP B 328 -14.43 30.43 -16.43
C ASP B 328 -14.38 28.91 -16.49
N LEU B 329 -14.53 28.30 -15.31
CA LEU B 329 -14.65 26.86 -15.16
C LEU B 329 -16.09 26.41 -15.05
N GLY B 330 -17.05 27.33 -15.18
CA GLY B 330 -18.44 27.03 -14.97
C GLY B 330 -18.85 27.28 -13.53
N PRO B 331 -20.14 27.25 -13.26
CA PRO B 331 -20.62 27.49 -11.90
C PRO B 331 -20.23 26.37 -10.96
N MET B 332 -20.13 26.71 -9.67
CA MET B 332 -19.73 25.73 -8.67
C MET B 332 -20.79 24.65 -8.53
N SER B 333 -20.35 23.40 -8.60
CA SER B 333 -21.27 22.27 -8.64
C SER B 333 -21.49 21.70 -7.25
N ILE B 334 -22.52 20.86 -7.13
CA ILE B 334 -22.84 20.23 -5.86
C ILE B 334 -21.74 19.27 -5.41
N HIS B 335 -21.02 18.69 -6.37
CA HIS B 335 -19.89 17.83 -6.06
C HIS B 335 -18.87 18.54 -5.18
N GLU B 336 -18.45 19.73 -5.61
CA GLU B 336 -17.47 20.50 -4.86
C GLU B 336 -18.00 20.91 -3.50
N ILE B 337 -19.28 21.27 -3.44
CA ILE B 337 -19.87 21.68 -2.16
C ILE B 337 -19.82 20.54 -1.16
N GLN B 338 -20.17 19.33 -1.60
CA GLN B 338 -20.15 18.18 -0.70
C GLN B 338 -18.73 17.90 -0.23
N VAL B 339 -17.76 17.95 -1.14
CA VAL B 339 -16.37 17.67 -0.73
C VAL B 339 -15.91 18.71 0.28
N MET B 340 -16.21 19.98 0.03
CA MET B 340 -15.77 21.05 0.93
C MET B 340 -16.41 20.92 2.31
N ILE B 341 -17.70 20.58 2.35
CA ILE B 341 -18.36 20.40 3.63
C ILE B 341 -17.72 19.25 4.41
N LEU B 342 -17.42 18.14 3.72
CA LEU B 342 -16.77 17.03 4.39
C LEU B 342 -15.42 17.43 4.96
N PHE B 343 -14.63 18.19 4.19
CA PHE B 343 -13.31 18.58 4.66
C PHE B 343 -13.41 19.49 5.89
N ILE B 344 -14.31 20.47 5.85
CA ILE B 344 -14.48 21.35 7.00
C ILE B 344 -14.92 20.56 8.22
N PHE B 345 -15.83 19.60 8.02
CA PHE B 345 -16.28 18.78 9.14
C PHE B 345 -15.13 18.00 9.73
N MET B 346 -14.24 17.45 8.90
CA MET B 346 -13.10 16.71 9.42
C MET B 346 -12.19 17.59 10.27
N VAL B 347 -11.90 18.80 9.80
CA VAL B 347 -11.03 19.68 10.58
C VAL B 347 -11.68 20.05 11.91
N VAL B 348 -12.98 20.39 11.86
CA VAL B 348 -13.68 20.72 13.10
C VAL B 348 -13.65 19.55 14.06
N MET B 349 -13.78 18.34 13.52
CA MET B 349 -13.71 17.15 14.36
C MET B 349 -12.33 17.03 15.03
N TYR B 350 -11.27 17.36 14.30
CA TYR B 350 -9.95 17.39 14.92
C TYR B 350 -9.89 18.35 16.10
N PHE B 351 -10.37 19.58 15.93
CA PHE B 351 -10.24 20.54 17.03
C PHE B 351 -11.05 20.14 18.25
N THR B 352 -12.26 19.63 18.07
CA THR B 352 -13.13 19.39 19.22
C THR B 352 -12.89 18.04 19.90
N ARG B 353 -11.74 17.41 19.68
CA ARG B 353 -11.51 16.09 20.29
C ARG B 353 -11.42 16.18 21.81
N LYS B 354 -10.58 17.08 22.32
CA LYS B 354 -10.38 17.24 23.75
C LYS B 354 -9.93 18.66 24.05
N PRO B 355 -10.84 19.61 23.97
CA PRO B 355 -10.49 21.00 24.31
C PRO B 355 -10.59 21.23 25.80
N GLY B 356 -9.85 22.24 26.27
CA GLY B 356 -9.92 22.61 27.68
C GLY B 356 -11.22 23.29 28.04
N ILE B 357 -11.86 23.94 27.07
CA ILE B 357 -13.08 24.71 27.37
C ILE B 357 -14.22 23.78 27.74
N PHE B 358 -14.44 22.73 26.95
CA PHE B 358 -15.58 21.84 27.15
C PHE B 358 -15.14 20.41 26.92
N LEU B 359 -15.98 19.47 27.38
CA LEU B 359 -15.62 18.06 27.32
C LEU B 359 -15.50 17.58 25.87
N GLY B 360 -16.53 17.82 25.06
CA GLY B 360 -16.53 17.32 23.70
C GLY B 360 -16.58 15.81 23.67
N TRP B 361 -16.42 15.27 22.45
CA TRP B 361 -16.34 13.83 22.30
C TRP B 361 -15.01 13.32 22.83
N ALA B 362 -14.81 12.00 22.71
CA ALA B 362 -13.63 11.31 23.23
C ALA B 362 -13.59 11.37 24.75
N ASP B 363 -14.54 12.08 25.35
CA ASP B 363 -14.81 12.05 26.78
C ASP B 363 -16.21 11.53 27.09
N LEU B 364 -17.19 11.86 26.25
CA LEU B 364 -18.48 11.20 26.34
C LEU B 364 -18.36 9.71 26.06
N LEU B 365 -17.57 9.35 25.06
CA LEU B 365 -17.30 7.96 24.73
C LEU B 365 -15.95 7.55 25.34
N ASN B 366 -15.97 7.34 26.65
CA ASN B 366 -14.77 7.11 27.42
C ASN B 366 -14.43 5.63 27.59
N SER B 367 -15.18 4.72 26.96
CA SER B 367 -14.91 3.30 27.12
C SER B 367 -13.52 2.94 26.60
N LYS B 368 -13.13 3.51 25.46
CA LYS B 368 -11.82 3.28 24.88
C LYS B 368 -11.27 4.60 24.35
N ASP B 369 -9.97 4.61 24.08
CA ASP B 369 -9.32 5.79 23.52
C ASP B 369 -9.53 5.82 22.01
N ILE B 370 -10.25 6.84 21.53
CA ILE B 370 -10.51 6.95 20.10
C ILE B 370 -9.25 7.34 19.36
N ARG B 371 -8.43 8.21 19.94
CA ARG B 371 -7.10 8.55 19.43
C ARG B 371 -7.16 9.12 18.01
N ASN B 372 -8.25 9.82 17.69
CA ASN B 372 -8.34 10.77 16.58
C ASN B 372 -8.19 10.06 15.23
N SER B 373 -8.38 8.73 15.17
CA SER B 373 -8.30 8.06 13.88
C SER B 373 -9.64 7.97 13.18
N MET B 374 -10.75 7.99 13.93
CA MET B 374 -12.04 7.83 13.29
C MET B 374 -12.39 8.90 12.26
N PRO B 375 -12.15 10.21 12.49
CA PRO B 375 -12.71 11.19 11.55
C PRO B 375 -12.20 11.02 10.13
N THR B 376 -10.91 10.70 9.98
CA THR B 376 -10.32 10.67 8.66
C THR B 376 -10.83 9.49 7.84
N ILE B 377 -10.82 8.29 8.42
CA ILE B 377 -11.36 7.13 7.72
C ILE B 377 -12.85 7.27 7.53
N PHE B 378 -13.54 7.92 8.47
CA PHE B 378 -14.96 8.16 8.31
C PHE B 378 -15.24 9.02 7.09
N VAL B 379 -14.44 10.07 6.90
CA VAL B 379 -14.59 10.92 5.71
C VAL B 379 -14.27 10.13 4.46
N VAL B 380 -13.24 9.29 4.50
CA VAL B 380 -12.88 8.49 3.32
C VAL B 380 -14.05 7.59 2.93
N VAL B 381 -14.68 6.93 3.90
CA VAL B 381 -15.80 6.06 3.60
C VAL B 381 -16.98 6.87 3.07
N MET B 382 -17.27 8.00 3.72
CA MET B 382 -18.41 8.81 3.28
C MET B 382 -18.20 9.36 1.88
N CYS B 383 -16.95 9.51 1.45
CA CYS B 383 -16.71 9.92 0.08
C CYS B 383 -17.22 8.89 -0.91
N PHE B 384 -17.04 7.60 -0.60
CA PHE B 384 -17.54 6.56 -1.49
C PHE B 384 -19.05 6.40 -1.36
N MET B 385 -19.59 6.59 -0.17
CA MET B 385 -21.03 6.34 0.03
C MET B 385 -21.88 7.35 -0.73
N LEU B 386 -21.50 8.62 -0.73
CA LEU B 386 -22.37 9.68 -1.22
C LEU B 386 -22.40 9.71 -2.76
N PRO B 387 -23.51 10.17 -3.34
CA PRO B 387 -23.58 10.33 -4.79
C PRO B 387 -22.93 11.64 -5.22
N ALA B 388 -23.09 11.97 -6.50
CA ALA B 388 -22.48 13.17 -7.06
C ALA B 388 -23.42 14.08 -7.82
N ASN B 389 -24.63 13.64 -8.16
CA ASN B 389 -25.48 14.45 -9.02
C ASN B 389 -26.84 14.77 -8.41
N TYR B 390 -27.46 13.81 -7.72
CA TYR B 390 -28.83 13.96 -7.24
C TYR B 390 -29.80 14.25 -8.38
N ALA B 391 -29.51 13.67 -9.55
CA ALA B 391 -30.41 13.78 -10.69
C ALA B 391 -31.42 12.64 -10.75
N PHE B 392 -31.25 11.60 -9.92
CA PHE B 392 -32.19 10.50 -9.92
C PHE B 392 -33.51 10.85 -9.25
N LEU B 393 -33.55 11.94 -8.48
CA LEU B 393 -34.78 12.32 -7.80
C LEU B 393 -35.88 12.75 -8.76
N ARG B 394 -35.55 12.95 -10.03
CA ARG B 394 -36.57 13.26 -11.02
C ARG B 394 -37.56 12.11 -11.16
N TYR B 395 -37.15 10.89 -10.82
CA TYR B 395 -38.06 9.75 -10.88
C TYR B 395 -39.24 9.93 -9.94
N CYS B 396 -38.96 10.31 -8.68
CA CYS B 396 -40.02 10.36 -7.67
C CYS B 396 -41.04 11.44 -8.01
N THR B 397 -40.58 12.65 -8.28
CA THR B 397 -41.48 13.76 -8.60
C THR B 397 -40.67 14.83 -9.31
N ARG B 398 -41.37 15.76 -9.95
CA ARG B 398 -40.76 16.86 -10.68
C ARG B 398 -39.79 16.30 -11.74
N ARG B 399 -40.39 15.64 -12.72
CA ARG B 399 -39.62 14.94 -13.75
C ARG B 399 -38.60 15.88 -14.39
N GLY B 400 -39.04 17.04 -14.86
CA GLY B 400 -38.13 18.05 -15.34
C GLY B 400 -37.21 17.52 -16.43
N GLY B 401 -35.92 17.50 -16.14
CA GLY B 401 -34.93 17.04 -17.08
C GLY B 401 -34.92 15.54 -17.25
N PRO B 402 -34.10 15.04 -18.18
CA PRO B 402 -34.03 13.60 -18.42
C PRO B 402 -33.46 12.85 -17.23
N VAL B 403 -33.91 11.61 -17.06
CA VAL B 403 -33.41 10.73 -16.02
C VAL B 403 -32.04 10.20 -16.44
N PRO B 404 -31.18 9.84 -15.49
CA PRO B 404 -29.87 9.29 -15.88
C PRO B 404 -30.01 7.95 -16.57
N THR B 405 -29.04 7.67 -17.45
CA THR B 405 -29.03 6.43 -18.21
C THR B 405 -28.14 5.35 -17.59
N GLY B 406 -27.56 5.61 -16.43
CA GLY B 406 -26.71 4.65 -15.77
C GLY B 406 -26.48 4.98 -14.32
N PRO B 407 -25.69 4.16 -13.64
CA PRO B 407 -25.40 4.43 -12.23
C PRO B 407 -24.71 5.77 -12.04
N THR B 408 -25.07 6.45 -10.98
CA THR B 408 -24.48 7.75 -10.67
C THR B 408 -23.11 7.56 -10.04
N PRO B 409 -22.07 8.23 -10.54
CA PRO B 409 -20.74 8.07 -9.94
C PRO B 409 -20.69 8.65 -8.53
N SER B 410 -19.76 8.11 -7.74
CA SER B 410 -19.54 8.59 -6.39
C SER B 410 -18.60 9.80 -6.42
N LEU B 411 -18.23 10.27 -5.23
CA LEU B 411 -17.35 11.43 -5.15
C LEU B 411 -15.95 11.10 -5.65
N ILE B 412 -15.51 9.86 -5.46
CA ILE B 412 -14.19 9.42 -5.89
C ILE B 412 -14.27 7.96 -6.30
N THR B 413 -13.27 7.52 -7.07
CA THR B 413 -13.20 6.14 -7.52
C THR B 413 -11.93 5.50 -6.98
N TRP B 414 -12.00 4.19 -6.73
CA TRP B 414 -10.84 3.50 -6.15
C TRP B 414 -9.66 3.46 -7.11
N LYS B 415 -9.92 3.47 -8.42
CA LYS B 415 -8.82 3.44 -9.38
C LYS B 415 -7.95 4.68 -9.24
N PHE B 416 -8.56 5.84 -9.01
CA PHE B 416 -7.81 7.06 -8.82
C PHE B 416 -6.92 6.96 -7.58
N ILE B 417 -7.46 6.42 -6.49
CA ILE B 417 -6.68 6.31 -5.25
C ILE B 417 -5.52 5.33 -5.44
N GLN B 418 -5.78 4.21 -6.09
CA GLN B 418 -4.77 3.16 -6.19
C GLN B 418 -3.57 3.61 -6.99
N THR B 419 -3.77 4.52 -7.95
CA THR B 419 -2.68 4.89 -8.85
C THR B 419 -1.90 6.11 -8.38
N LYS B 420 -2.38 6.84 -7.37
CA LYS B 420 -1.74 8.10 -7.00
C LYS B 420 -1.13 8.10 -5.60
N VAL B 421 -1.54 7.20 -4.72
CA VAL B 421 -1.03 7.22 -3.36
C VAL B 421 0.40 6.69 -3.33
N PRO B 422 1.33 7.38 -2.68
CA PRO B 422 2.71 6.86 -2.58
C PRO B 422 2.85 5.80 -1.51
N TRP B 423 2.59 4.54 -1.87
CA TRP B 423 2.47 3.48 -0.89
C TRP B 423 3.77 3.18 -0.15
N GLY B 424 4.92 3.59 -0.67
CA GLY B 424 6.18 3.31 0.00
C GLY B 424 6.36 4.06 1.30
N LEU B 425 5.56 5.10 1.53
CA LEU B 425 5.65 5.84 2.78
C LEU B 425 5.32 4.95 3.97
N VAL B 426 4.49 3.92 3.76
CA VAL B 426 4.20 2.98 4.83
C VAL B 426 5.49 2.35 5.32
N PHE B 427 6.28 1.81 4.38
CA PHE B 427 7.53 1.16 4.75
C PHE B 427 8.52 2.17 5.33
N LEU B 428 8.59 3.37 4.77
CA LEU B 428 9.55 4.35 5.27
C LEU B 428 9.25 4.72 6.73
N LEU B 429 8.01 5.11 7.02
CA LEU B 429 7.66 5.49 8.37
C LEU B 429 7.76 4.31 9.33
N GLY B 430 7.32 3.13 8.89
CA GLY B 430 7.44 1.97 9.74
C GLY B 430 8.87 1.63 10.09
N GLY B 431 9.78 1.75 9.11
CA GLY B 431 11.18 1.51 9.38
C GLY B 431 11.73 2.49 10.39
N GLY B 432 11.36 3.77 10.26
CA GLY B 432 11.80 4.73 11.25
C GLY B 432 11.34 4.38 12.66
N PHE B 433 10.05 4.07 12.79
CA PHE B 433 9.50 3.75 14.11
C PHE B 433 10.15 2.49 14.68
N ALA B 434 10.32 1.47 13.86
CA ALA B 434 10.91 0.22 14.33
C ALA B 434 12.35 0.42 14.76
N LEU B 435 13.11 1.21 14.00
CA LEU B 435 14.48 1.49 14.40
C LEU B 435 14.52 2.20 15.75
N ALA B 436 13.64 3.18 15.95
CA ALA B 436 13.62 3.88 17.23
C ALA B 436 13.30 2.92 18.38
N GLU B 437 12.28 2.08 18.20
CA GLU B 437 11.88 1.16 19.27
C GLU B 437 12.97 0.14 19.56
N GLY B 438 13.60 -0.40 18.53
CA GLY B 438 14.67 -1.35 18.74
C GLY B 438 15.86 -0.72 19.43
N SER B 439 16.18 0.52 19.08
CA SER B 439 17.24 1.23 19.79
C SER B 439 16.91 1.41 21.26
N LYS B 440 15.64 1.70 21.56
CA LYS B 440 15.24 1.83 22.96
C LYS B 440 15.41 0.50 23.70
N GLN B 441 14.95 -0.60 23.09
CA GLN B 441 14.92 -1.86 23.80
C GLN B 441 16.31 -2.48 23.96
N SER B 442 17.15 -2.36 22.93
CA SER B 442 18.46 -3.02 22.97
C SER B 442 19.36 -2.45 24.05
N GLY B 443 19.22 -1.16 24.35
CA GLY B 443 20.08 -0.49 25.30
C GLY B 443 21.14 0.40 24.70
N MET B 444 21.16 0.55 23.37
CA MET B 444 22.09 1.47 22.74
C MET B 444 21.83 2.91 23.16
N ALA B 445 20.56 3.23 23.46
CA ALA B 445 20.21 4.59 23.81
C ALA B 445 20.95 5.05 25.06
N LYS B 446 21.01 4.20 26.08
CA LYS B 446 21.74 4.54 27.30
C LYS B 446 23.21 4.76 26.98
N LEU B 447 23.79 3.93 26.12
CA LEU B 447 25.19 4.06 25.77
C LEU B 447 25.47 5.41 25.11
N ILE B 448 24.64 5.79 24.14
CA ILE B 448 24.86 7.06 23.47
C ILE B 448 24.65 8.22 24.44
N GLY B 449 23.60 8.15 25.27
CA GLY B 449 23.35 9.22 26.22
C GLY B 449 24.51 9.44 27.17
N ASN B 450 25.07 8.34 27.69
CA ASN B 450 26.24 8.47 28.55
C ASN B 450 27.45 8.96 27.77
N ALA B 451 27.56 8.59 26.50
CA ALA B 451 28.69 9.05 25.70
C ALA B 451 28.66 10.57 25.51
N LEU B 452 27.47 11.14 25.31
CA LEU B 452 27.35 12.55 24.98
C LEU B 452 27.17 13.46 26.20
N ILE B 453 27.37 12.95 27.42
CA ILE B 453 27.13 13.72 28.62
C ILE B 453 28.08 14.91 28.75
N GLY B 454 29.15 14.95 27.97
CA GLY B 454 30.14 16.01 28.11
C GLY B 454 29.62 17.39 27.74
N LEU B 455 28.49 17.48 27.07
CA LEU B 455 27.96 18.76 26.60
C LEU B 455 27.26 19.55 27.69
N LYS B 456 27.30 19.09 28.94
CA LYS B 456 26.62 19.82 30.02
C LYS B 456 27.24 21.17 30.29
N VAL B 457 28.49 21.39 29.90
CA VAL B 457 29.18 22.62 30.22
C VAL B 457 28.51 23.82 29.55
N LEU B 458 28.11 23.67 28.30
CA LEU B 458 27.63 24.79 27.52
C LEU B 458 26.23 25.22 27.99
N PRO B 459 25.91 26.50 27.89
CA PRO B 459 24.57 26.98 28.26
C PRO B 459 23.52 26.49 27.28
N ASN B 460 22.26 26.76 27.61
CA ASN B 460 21.15 26.19 26.83
C ASN B 460 21.08 26.77 25.43
N SER B 461 21.28 28.08 25.30
CA SER B 461 21.06 28.74 24.02
C SER B 461 22.00 28.22 22.95
N VAL B 462 23.27 28.00 23.31
CA VAL B 462 24.22 27.51 22.32
C VAL B 462 23.88 26.08 21.91
N LEU B 463 23.37 25.26 22.83
CA LEU B 463 22.87 23.94 22.43
C LEU B 463 21.75 24.07 21.41
N LEU B 464 20.79 24.95 21.68
CA LEU B 464 19.70 25.13 20.73
C LEU B 464 20.21 25.55 19.36
N LEU B 465 21.13 26.52 19.34
CA LEU B 465 21.65 27.02 18.07
C LEU B 465 22.41 25.95 17.32
N VAL B 466 23.28 25.20 18.00
CA VAL B 466 24.07 24.19 17.30
C VAL B 466 23.18 23.06 16.82
N VAL B 467 22.14 22.71 17.57
CA VAL B 467 21.22 21.67 17.12
C VAL B 467 20.52 22.10 15.83
N ILE B 468 20.05 23.35 15.81
CA ILE B 468 19.38 23.86 14.61
C ILE B 468 20.34 23.86 13.42
N LEU B 469 21.58 24.35 13.64
CA LEU B 469 22.54 24.42 12.55
C LEU B 469 22.87 23.04 12.01
N VAL B 470 23.08 22.06 12.90
CA VAL B 470 23.40 20.71 12.46
C VAL B 470 22.24 20.12 11.68
N ALA B 471 21.01 20.34 12.15
CA ALA B 471 19.85 19.82 11.43
C ALA B 471 19.77 20.39 10.02
N VAL B 472 19.97 21.71 9.89
CA VAL B 472 19.90 22.32 8.57
C VAL B 472 21.01 21.79 7.67
N PHE B 473 22.22 21.72 8.19
CA PHE B 473 23.35 21.27 7.38
C PHE B 473 23.14 19.84 6.89
N LEU B 474 22.65 18.96 7.77
CA LEU B 474 22.41 17.58 7.36
C LEU B 474 21.28 17.48 6.36
N THR B 475 20.17 18.20 6.57
CA THR B 475 19.06 18.08 5.65
C THR B 475 19.34 18.74 4.31
N ALA B 476 20.41 19.52 4.20
CA ALA B 476 20.74 20.12 2.91
C ALA B 476 21.06 19.07 1.85
N PHE B 477 21.56 17.90 2.25
CA PHE B 477 22.12 16.94 1.30
C PHE B 477 21.31 15.68 1.12
N SER B 478 20.18 15.50 1.79
CA SER B 478 19.48 14.23 1.72
C SER B 478 18.01 14.42 2.03
N SER B 479 17.26 13.32 1.97
CA SER B 479 15.83 13.38 2.23
C SER B 479 15.55 13.78 3.67
N ASN B 480 14.46 14.53 3.86
CA ASN B 480 14.15 15.07 5.18
C ASN B 480 13.81 13.97 6.17
N VAL B 481 13.02 12.99 5.74
CA VAL B 481 12.54 11.95 6.63
C VAL B 481 13.71 11.14 7.19
N ALA B 482 14.69 10.83 6.33
CA ALA B 482 15.86 10.10 6.80
C ALA B 482 16.62 10.87 7.86
N ILE B 483 16.80 12.17 7.66
CA ILE B 483 17.52 12.98 8.64
C ILE B 483 16.77 13.00 9.96
N ALA B 484 15.46 13.17 9.92
CA ALA B 484 14.68 13.16 11.15
C ALA B 484 14.83 11.83 11.87
N ASN B 485 14.69 10.73 11.13
CA ASN B 485 14.82 9.40 11.73
C ASN B 485 16.18 9.23 12.40
N ILE B 486 17.24 9.71 11.75
CA ILE B 486 18.58 9.54 12.30
C ILE B 486 18.75 10.37 13.57
N ILE B 487 18.31 11.62 13.55
CA ILE B 487 18.76 12.53 14.61
C ILE B 487 17.81 12.61 15.80
N ILE B 488 16.51 12.34 15.64
CA ILE B 488 15.57 12.57 16.75
C ILE B 488 15.87 11.71 17.98
N PRO B 489 16.02 10.38 17.87
CA PRO B 489 16.28 9.59 19.09
C PRO B 489 17.57 9.97 19.80
N VAL B 490 18.60 10.34 19.05
CA VAL B 490 19.84 10.78 19.68
C VAL B 490 19.59 12.04 20.50
N LEU B 491 18.80 12.97 19.96
CA LEU B 491 18.46 14.17 20.71
C LEU B 491 17.67 13.83 21.97
N ALA B 492 16.74 12.88 21.87
CA ALA B 492 15.96 12.51 23.05
C ALA B 492 16.86 11.96 24.15
N GLU B 493 17.79 11.06 23.78
CA GLU B 493 18.68 10.48 24.78
C GLU B 493 19.63 11.53 25.35
N MET B 494 20.16 12.41 24.51
CA MET B 494 21.03 13.46 25.01
C MET B 494 20.29 14.38 25.96
N SER B 495 19.03 14.70 25.65
CA SER B 495 18.23 15.54 26.53
C SER B 495 17.98 14.85 27.85
N LEU B 496 17.78 13.53 27.85
CA LEU B 496 17.64 12.81 29.11
C LEU B 496 18.95 12.82 29.90
N ALA B 497 20.09 12.68 29.23
CA ALA B 497 21.35 12.62 29.94
C ALA B 497 21.64 13.91 30.69
N ILE B 498 21.46 15.05 30.03
CA ILE B 498 21.54 16.35 30.68
C ILE B 498 20.19 16.59 31.33
N GLU B 499 20.08 17.62 32.17
CA GLU B 499 18.80 17.95 32.79
C GLU B 499 18.08 19.00 31.94
N ILE B 500 17.54 18.53 30.81
CA ILE B 500 16.87 19.39 29.84
C ILE B 500 15.56 18.75 29.42
N HIS B 501 14.52 19.57 29.34
CA HIS B 501 13.23 19.09 28.85
C HIS B 501 13.36 18.64 27.40
N PRO B 502 12.92 17.43 27.06
CA PRO B 502 13.16 16.93 25.69
C PRO B 502 12.52 17.76 24.60
N LEU B 503 11.32 18.32 24.84
CA LEU B 503 10.65 19.10 23.80
C LEU B 503 11.49 20.29 23.39
N TYR B 504 12.18 20.90 24.37
CA TYR B 504 12.98 22.11 24.14
C TYR B 504 13.95 21.95 22.99
N LEU B 505 14.50 20.75 22.82
CA LEU B 505 15.38 20.48 21.69
C LEU B 505 14.70 19.75 20.55
N ILE B 506 13.68 18.93 20.84
CA ILE B 506 13.08 18.12 19.78
C ILE B 506 12.28 18.99 18.82
N LEU B 507 11.46 19.90 19.32
CA LEU B 507 10.62 20.69 18.43
C LEU B 507 11.41 21.57 17.47
N PRO B 508 12.36 22.39 17.91
CA PRO B 508 13.11 23.21 16.94
C PRO B 508 13.85 22.39 15.90
N ALA B 509 14.47 21.28 16.31
CA ALA B 509 15.17 20.45 15.33
C ALA B 509 14.20 19.80 14.36
N GLY B 510 13.07 19.31 14.87
CA GLY B 510 12.09 18.71 13.99
C GLY B 510 11.57 19.67 12.95
N LEU B 511 11.33 20.92 13.35
CA LEU B 511 10.92 21.91 12.36
C LEU B 511 12.07 22.28 11.43
N ALA B 512 13.30 22.32 11.94
CA ALA B 512 14.43 22.75 11.13
C ALA B 512 14.78 21.72 10.06
N CYS B 513 14.45 20.45 10.29
CA CYS B 513 14.77 19.43 9.29
C CYS B 513 14.10 19.70 7.95
N SER B 514 13.00 20.46 7.96
CA SER B 514 12.26 20.69 6.73
C SER B 514 12.79 21.88 5.92
N MET B 515 13.67 22.70 6.50
CA MET B 515 14.17 23.89 5.82
C MET B 515 15.32 23.49 4.88
N ALA B 516 15.02 23.42 3.59
CA ALA B 516 16.02 23.04 2.59
C ALA B 516 15.75 23.82 1.31
N PHE B 517 16.69 24.67 0.91
CA PHE B 517 16.52 25.50 -0.28
C PHE B 517 17.72 25.54 -1.20
N HIS B 518 18.90 25.08 -0.78
CA HIS B 518 20.11 25.40 -1.53
C HIS B 518 20.29 24.53 -2.76
N LEU B 519 19.95 23.25 -2.69
CA LEU B 519 20.31 22.36 -3.78
C LEU B 519 19.11 21.59 -4.30
N PRO B 520 19.10 21.23 -5.59
CA PRO B 520 18.00 20.42 -6.12
C PRO B 520 17.88 19.06 -5.45
N VAL B 521 18.99 18.52 -4.95
CA VAL B 521 18.94 17.22 -4.28
C VAL B 521 18.17 17.30 -2.97
N SER B 522 18.07 18.50 -2.40
CA SER B 522 17.56 18.63 -1.03
C SER B 522 16.11 18.17 -0.90
N THR B 523 15.25 18.57 -1.83
CA THR B 523 13.84 18.26 -1.70
C THR B 523 13.21 18.13 -3.09
N PRO B 524 12.20 17.29 -3.24
CA PRO B 524 11.59 17.08 -4.57
C PRO B 524 11.06 18.35 -5.21
N PRO B 525 10.41 19.26 -4.45
CA PRO B 525 9.93 20.49 -5.11
C PRO B 525 11.05 21.26 -5.80
N ASN B 526 12.23 21.28 -5.20
CA ASN B 526 13.37 21.93 -5.83
C ASN B 526 13.70 21.29 -7.18
N ALA B 527 13.70 19.96 -7.22
CA ALA B 527 13.99 19.27 -8.47
C ALA B 527 12.94 19.58 -9.53
N LEU B 528 11.66 19.57 -9.14
CA LEU B 528 10.61 19.87 -10.11
C LEU B 528 10.76 21.29 -10.66
N VAL B 529 11.01 22.26 -9.79
CA VAL B 529 11.13 23.64 -10.24
C VAL B 529 12.36 23.81 -11.13
N ALA B 530 13.46 23.16 -10.78
CA ALA B 530 14.65 23.22 -11.63
C ALA B 530 14.38 22.61 -12.99
N GLY B 531 13.62 21.51 -13.03
CA GLY B 531 13.29 20.90 -14.30
C GLY B 531 12.40 21.79 -15.17
N TYR B 532 11.43 22.45 -14.55
CA TYR B 532 10.47 23.24 -15.34
C TYR B 532 11.14 24.41 -16.05
N ALA B 533 12.01 25.13 -15.37
CA ALA B 533 12.53 26.39 -15.88
C ALA B 533 14.02 26.37 -16.17
N ASN B 534 14.65 25.19 -16.16
CA ASN B 534 16.08 25.05 -16.45
C ASN B 534 16.92 25.94 -15.53
N ILE B 535 16.63 25.88 -14.24
CA ILE B 535 17.35 26.70 -13.27
C ILE B 535 18.72 26.11 -13.01
N ARG B 536 19.74 26.96 -13.05
CA ARG B 536 21.10 26.51 -12.77
C ARG B 536 21.32 26.43 -11.27
N THR B 537 22.14 25.46 -10.86
CA THR B 537 22.32 25.18 -9.43
C THR B 537 22.95 26.37 -8.71
N LYS B 538 23.95 27.00 -9.33
CA LYS B 538 24.64 28.11 -8.67
C LYS B 538 23.68 29.24 -8.34
N ASP B 539 22.85 29.62 -9.32
CA ASP B 539 21.86 30.66 -9.08
C ASP B 539 20.90 30.27 -7.98
N MET B 540 20.51 28.99 -7.94
CA MET B 540 19.57 28.53 -6.93
C MET B 540 20.17 28.65 -5.53
N ALA B 541 21.43 28.25 -5.36
CA ALA B 541 22.06 28.39 -4.06
C ALA B 541 22.21 29.84 -3.65
N ILE B 542 22.63 30.70 -4.59
CA ILE B 542 22.80 32.11 -4.27
C ILE B 542 21.45 32.72 -3.87
N ALA B 543 20.37 32.30 -4.52
CA ALA B 543 19.05 32.79 -4.15
C ALA B 543 18.62 32.26 -2.79
N GLY B 544 18.89 30.98 -2.51
CA GLY B 544 18.43 30.36 -1.29
C GLY B 544 19.23 30.71 -0.06
N ILE B 545 20.34 31.43 -0.21
CA ILE B 545 21.15 31.82 0.95
C ILE B 545 20.29 32.56 1.98
N GLY B 546 19.26 33.27 1.53
CA GLY B 546 18.48 34.13 2.38
C GLY B 546 17.50 33.44 3.32
N PRO B 547 16.58 32.64 2.76
CA PRO B 547 15.59 31.97 3.60
C PRO B 547 16.19 31.11 4.70
N THR B 548 17.38 30.55 4.48
CA THR B 548 18.04 29.81 5.54
C THR B 548 18.27 30.69 6.77
N ILE B 549 18.87 31.86 6.57
CA ILE B 549 19.13 32.77 7.67
C ILE B 549 17.82 33.22 8.31
N ILE B 550 16.83 33.56 7.48
CA ILE B 550 15.57 34.06 8.01
C ILE B 550 14.92 33.00 8.90
N THR B 551 14.86 31.76 8.42
CA THR B 551 14.23 30.69 9.19
C THR B 551 14.99 30.40 10.46
N ILE B 552 16.33 30.40 10.41
CA ILE B 552 17.11 30.12 11.61
C ILE B 552 16.82 31.16 12.68
N ILE B 553 16.89 32.44 12.31
CA ILE B 553 16.69 33.50 13.30
C ILE B 553 15.27 33.44 13.85
N THR B 554 14.27 33.27 12.96
CA THR B 554 12.90 33.24 13.42
C THR B 554 12.64 32.08 14.36
N LEU B 555 13.13 30.89 14.01
CA LEU B 555 12.94 29.74 14.87
C LEU B 555 13.59 29.95 16.23
N PHE B 556 14.81 30.46 16.24
CA PHE B 556 15.50 30.70 17.51
C PHE B 556 14.68 31.63 18.40
N VAL B 557 14.30 32.80 17.86
CA VAL B 557 13.63 33.79 18.68
C VAL B 557 12.27 33.28 19.15
N PHE B 558 11.47 32.72 18.22
CA PHE B 558 10.13 32.32 18.59
C PHE B 558 10.13 31.15 19.55
N CYS B 559 11.02 30.17 19.36
CA CYS B 559 11.08 29.05 20.29
C CYS B 559 11.54 29.50 21.67
N GLN B 560 12.43 30.50 21.73
CA GLN B 560 12.82 30.98 23.05
C GLN B 560 11.70 31.76 23.73
N THR B 561 10.89 32.51 22.97
CA THR B 561 9.94 33.43 23.58
C THR B 561 8.54 32.86 23.72
N TRP B 562 7.92 32.46 22.61
CA TRP B 562 6.49 32.14 22.61
C TRP B 562 6.19 30.69 22.95
N GLY B 563 7.17 29.81 22.81
CA GLY B 563 6.99 28.43 23.26
C GLY B 563 6.70 28.34 24.73
N LEU B 564 7.27 29.24 25.54
CA LEU B 564 6.91 29.30 26.94
C LEU B 564 5.46 29.69 27.13
N VAL B 565 4.93 30.56 26.26
CA VAL B 565 3.53 30.91 26.34
C VAL B 565 2.65 29.70 26.05
N VAL B 566 2.97 28.96 24.99
CA VAL B 566 2.12 27.82 24.64
C VAL B 566 2.36 26.66 25.60
N TYR B 567 3.62 26.40 25.97
CA TYR B 567 3.96 25.38 26.96
C TYR B 567 4.70 26.05 28.11
N PRO B 568 4.11 26.13 29.30
CA PRO B 568 4.73 26.95 30.36
C PRO B 568 5.99 26.36 30.97
N ASN B 569 6.22 25.05 30.87
CA ASN B 569 7.24 24.38 31.67
C ASN B 569 8.45 23.92 30.86
N LEU B 570 8.91 24.72 29.90
CA LEU B 570 10.11 24.32 29.16
C LEU B 570 11.38 24.52 29.98
N ASN B 571 11.46 25.63 30.71
CA ASN B 571 12.71 25.97 31.39
C ASN B 571 13.06 24.95 32.47
N SER B 572 12.07 24.49 33.22
CA SER B 572 12.33 23.58 34.33
C SER B 572 12.47 22.14 33.83
N PHE B 573 12.92 21.27 34.73
CA PHE B 573 13.01 19.85 34.46
C PHE B 573 11.84 19.16 35.13
N PRO B 574 10.87 18.63 34.37
CA PRO B 574 9.65 18.11 34.98
C PRO B 574 9.90 16.82 35.77
N GLU B 575 8.92 16.50 36.61
CA GLU B 575 9.04 15.35 37.49
C GLU B 575 9.13 14.04 36.69
N TRP B 576 8.29 13.90 35.68
CA TRP B 576 8.28 12.66 34.90
C TRP B 576 9.60 12.46 34.17
N ALA B 577 10.21 13.54 33.70
CA ALA B 577 11.54 13.44 33.12
C ALA B 577 12.56 12.95 34.14
N GLN B 578 12.45 13.43 35.38
CA GLN B 578 13.34 12.94 36.43
C GLN B 578 13.15 11.45 36.66
N ILE B 579 11.90 11.00 36.69
CA ILE B 579 11.64 9.57 36.88
C ILE B 579 12.23 8.76 35.74
N TYR B 580 12.03 9.21 34.50
CA TYR B 580 12.57 8.48 33.35
C TYR B 580 14.09 8.42 33.41
N ALA B 581 14.74 9.54 33.71
CA ALA B 581 16.20 9.56 33.77
C ALA B 581 16.72 8.68 34.89
N ALA B 582 16.08 8.72 36.06
CA ALA B 582 16.52 7.89 37.17
C ALA B 582 16.36 6.41 36.85
N ALA B 583 15.24 6.03 36.24
CA ALA B 583 15.04 4.64 35.88
C ALA B 583 16.05 4.18 34.83
N ALA B 584 16.31 5.03 33.83
CA ALA B 584 17.26 4.67 32.79
C ALA B 584 18.66 5.19 33.11
C1 PTY C . 30.46 -2.77 -8.75
C2 PTY C . 22.58 -1.83 -9.18
C3 PTY C . 24.00 -1.40 -8.95
O4 PTY C . 30.75 -3.72 -7.71
C5 PTY C . 28.41 -1.64 -9.66
C6 PTY C . 29.00 -2.91 -9.09
O7 PTY C . 28.32 -3.26 -7.85
C8 PTY C . 27.32 -4.13 -7.92
O10 PTY C . 26.98 -4.67 -8.94
C11 PTY C . 26.68 -4.35 -6.58
C12 PTY C . 26.74 -5.76 -6.10
C13 PTY C . 26.30 -5.88 -4.65
C14 PTY C . 26.29 -7.27 -4.11
C15 PTY C . 26.14 -7.33 -2.61
C16 PTY C . 26.11 -8.72 -2.02
C17 PTY C . 26.34 -8.75 -0.54
C18 PTY C . 25.45 -7.82 0.25
C19 PTY C . 25.78 -7.73 1.72
C20 PTY C . 25.66 -9.05 2.46
C21 PTY C . 25.93 -8.95 3.94
C22 PTY C . 25.79 -10.24 4.69
C23 PTY C . 25.97 -10.12 6.18
C24 PTY C . 27.33 -9.63 6.60
C25 PTY C . 27.43 -9.31 8.07
C26 PTY C . 27.25 -10.49 9.00
C27 PTY C . 28.38 -11.50 8.97
C28 PTY C . 28.25 -12.59 10.00
C29 PTY C . 29.40 -13.57 10.00
C30 PTY C . 31.99 -3.74 -7.24
C31 PTY C . 32.09 -4.52 -5.98
O30 PTY C . 32.91 -3.19 -7.80
C32 PTY C . 32.94 -5.75 -6.08
C33 PTY C . 32.43 -6.72 -7.13
C34 PTY C . 30.96 -7.08 -6.99
C35 PTY C . 30.51 -8.17 -7.93
C36 PTY C . 30.91 -9.56 -7.49
C37 PTY C . 30.07 -10.09 -6.36
C38 PTY C . 28.63 -10.34 -6.73
C39 PTY C . 27.74 -10.65 -5.56
C40 PTY C . 28.16 -11.84 -4.74
C41 PTY C . 27.30 -12.08 -3.52
C42 PTY C . 27.77 -13.20 -2.64
C43 PTY C . 26.98 -13.38 -1.38
C44 PTY C . 25.51 -13.66 -1.62
P1 PTY C . 26.11 -0.48 -10.22
O11 PTY C . 24.61 -1.04 -10.21
O12 PTY C . 26.49 -0.17 -11.64
O13 PTY C . 26.21 0.58 -9.17
O14 PTY C . 26.96 -1.76 -9.76
N1 PTY C . 21.91 -2.19 -7.93
C1 NAG D . -1.44 -27.32 26.51
C2 NAG D . -2.13 -26.93 27.82
C3 NAG D . -2.08 -28.10 28.80
C4 NAG D . -2.64 -29.36 28.17
C5 NAG D . -1.96 -29.63 26.83
C6 NAG D . -2.58 -30.79 26.07
C7 NAG D . -1.99 -24.51 28.18
C8 NAG D . -1.24 -23.40 28.85
N2 NAG D . -1.52 -25.75 28.39
O3 NAG D . -2.83 -27.76 29.96
O4 NAG D . -2.45 -30.47 29.04
O5 NAG D . -2.05 -28.49 25.97
O6 NAG D . -2.05 -30.89 24.77
O7 NAG D . -2.99 -24.30 27.49
C1 PTY E . -30.95 6.38 -4.18
C2 PTY E . -23.14 5.27 -5.59
C3 PTY E . -24.62 5.01 -5.54
O4 PTY E . -31.29 6.91 -2.89
C5 PTY E . -28.96 5.89 -5.64
C6 PTY E . -29.50 6.66 -4.45
O7 PTY E . -28.77 6.31 -3.23
C8 PTY E . -27.66 6.99 -2.95
O10 PTY E . -27.21 7.84 -3.67
C11 PTY E . -27.06 6.57 -1.64
C12 PTY E . -26.90 7.69 -0.66
C13 PTY E . -26.35 7.23 0.67
C14 PTY E . -26.02 8.36 1.62
C15 PTY E . -25.50 7.92 2.97
C16 PTY E . -26.51 7.17 3.80
C17 PTY E . -26.06 6.92 5.22
C18 PTY E . -27.12 6.27 6.08
C19 PTY E . -26.75 6.17 7.55
C20 PTY E . -25.58 5.29 7.84
C21 PTY E . -25.15 5.30 9.29
C22 PTY E . -26.27 4.97 10.26
C23 PTY E . -25.86 5.07 11.71
C24 PTY E . -27.01 4.90 12.68
C25 PTY E . -26.63 5.11 14.12
C26 PTY E . -27.79 5.05 15.09
C27 PTY E . -27.43 5.32 16.53
C28 PTY E . -28.60 5.29 17.47
C29 PTY E . -28.22 5.55 18.92
C30 PTY E . -32.53 6.67 -2.47
C31 PTY E . -32.78 7.21 -1.09
O30 PTY E . -33.35 6.12 -3.15
C32 PTY E . -32.76 8.70 -0.99
C33 PTY E . -31.36 9.25 -0.75
C34 PTY E . -31.32 10.75 -0.57
C35 PTY E . -30.01 11.27 -0.03
C36 PTY E . -29.62 10.64 1.28
C37 PTY E . -28.35 11.18 1.89
C38 PTY E . -28.42 12.64 2.27
C39 PTY E . -27.52 13.00 3.42
C40 PTY E . -27.87 12.27 4.70
C41 PTY E . -27.02 12.64 5.89
C42 PTY E . -25.56 12.30 5.73
C43 PTY E . -24.74 12.58 6.97
C44 PTY E . -25.16 11.74 8.15
P1 PTY E . -26.79 5.25 -6.99
O11 PTY E . -25.23 5.54 -6.73
O12 PTY E . -27.19 5.89 -8.29
O13 PTY E . -27.01 3.77 -6.80
O14 PTY E . -27.52 6.03 -5.80
N1 PTY E . -22.84 6.69 -5.75
C1 NAG F . 3.31 10.46 36.40
C2 NAG F . 4.08 9.55 37.35
C3 NAG F . 4.08 10.14 38.76
C4 NAG F . 4.58 11.57 38.75
C5 NAG F . 3.81 12.40 37.73
C6 NAG F . 4.35 13.79 37.56
C7 NAG F . 4.09 7.20 36.67
C8 NAG F . 3.39 5.87 36.78
N2 NAG F . 3.53 8.21 37.36
O3 NAG F . 4.90 9.34 39.61
O4 NAG F . 4.43 12.16 40.04
O5 NAG F . 3.87 11.76 36.43
O6 NAG F . 5.15 13.91 36.38
O7 NAG F . 5.10 7.34 36.01
#